data_4RBY
# 
_entry.id   4RBY 
# 
_audit_conform.dict_name       mmcif_pdbx.dic 
_audit_conform.dict_version    5.379 
_audit_conform.dict_location   http://mmcif.pdb.org/dictionaries/ascii/mmcif_pdbx.dic 
# 
loop_
_database_2.database_id 
_database_2.database_code 
_database_2.pdbx_database_accession 
_database_2.pdbx_DOI 
PDB   4RBY         pdb_00004rby 10.2210/pdb4rby/pdb 
NDB   NA3175       ?            ?                   
RCSB  RCSB087155   ?            ?                   
WWPDB D_1000087155 ?            ?                   
# 
loop_
_pdbx_database_related.db_name 
_pdbx_database_related.db_id 
_pdbx_database_related.details 
_pdbx_database_related.content_type 
PDB 4RBZ . unspecified 
PDB 4RC0 . unspecified 
# 
_pdbx_database_status.status_code                     REL 
_pdbx_database_status.entry_id                        4RBY 
_pdbx_database_status.recvd_initial_deposition_date   2014-09-13 
_pdbx_database_status.deposit_site                    RCSB 
_pdbx_database_status.process_site                    RCSB 
_pdbx_database_status.status_code_sf                  REL 
_pdbx_database_status.status_code_mr                  ? 
_pdbx_database_status.SG_entry                        ? 
_pdbx_database_status.status_code_cs                  ? 
_pdbx_database_status.methods_development_category    ? 
_pdbx_database_status.pdb_format_compatible           Y 
_pdbx_database_status.status_code_nmr_data            ? 
# 
loop_
_audit_author.name 
_audit_author.pdbx_ordinal 
'Pallan, P.S.' 1 
'Egli, M.'     2 
# 
_citation.id                        primary 
_citation.title                     'Crystal Structure, Stability and siRNA Activity of Phosphorodithioate-Modified RNAs' 
_citation.journal_abbrev            'To be Published' 
_citation.journal_volume            ? 
_citation.page_first                ? 
_citation.page_last                 ? 
_citation.year                      ? 
_citation.journal_id_ASTM           ? 
_citation.country                   ? 
_citation.journal_id_ISSN           ? 
_citation.journal_id_CSD            0353 
_citation.book_publisher            ? 
_citation.pdbx_database_id_PubMed   ? 
_citation.pdbx_database_id_DOI      ? 
# 
loop_
_citation_author.citation_id 
_citation_author.name 
_citation_author.ordinal 
_citation_author.identifier_ORCID 
primary 'Pallan, P.S.'    1 ? 
primary 'Yang, X.'        2 ? 
primary 'Sierant, M.'     3 ? 
primary 'Abeydeera, N.D.' 4 ? 
primary 'Hassell, T.'     5 ? 
primary 'Martinez, C.'    6 ? 
primary 'Janicka, M.'     7 ? 
primary 'Nawrot, B.'      8 ? 
primary 'Egli, M.'        9 ? 
# 
_cell.entry_id           4RBY 
_cell.length_a           40.932 
_cell.length_b           35.015 
_cell.length_c           31.873 
_cell.angle_alpha        90.00 
_cell.angle_beta         128.80 
_cell.angle_gamma        90.00 
_cell.Z_PDB              4 
_cell.pdbx_unique_axis   ? 
_cell.length_a_esd       ? 
_cell.length_b_esd       ? 
_cell.length_c_esd       ? 
_cell.angle_alpha_esd    ? 
_cell.angle_beta_esd     ? 
_cell.angle_gamma_esd    ? 
# 
_symmetry.entry_id                         4RBY 
_symmetry.space_group_name_H-M             'C 1 2 1' 
_symmetry.pdbx_full_space_group_name_H-M   ? 
_symmetry.cell_setting                     ? 
_symmetry.Int_Tables_number                5 
_symmetry.space_group_name_Hall            ? 
# 
loop_
_entity.id 
_entity.type 
_entity.src_method 
_entity.pdbx_description 
_entity.formula_weight 
_entity.pdbx_number_of_molecules 
_entity.pdbx_ec 
_entity.pdbx_mutation 
_entity.pdbx_fragment 
_entity.details 
1 polymer     syn "5'-R(*CP*GP*CP*(2SG)P*AP*AP*UP*UP*AP*GP*CP*G)-3'" 3885.507 1   ? ? ? 'Guanosine phosphorodithioate RNA' 
2 non-polymer syn 'STRONTIUM ION'                                    87.620   2   ? ? ? ?                                  
3 water       nat water                                              18.015   100 ? ? ? ?                                  
# 
_entity_poly.entity_id                      1 
_entity_poly.type                           polyribonucleotide 
_entity_poly.nstd_linkage                   no 
_entity_poly.nstd_monomer                   yes 
_entity_poly.pdbx_seq_one_letter_code       'CGC(2SG)AAUUAGCG' 
_entity_poly.pdbx_seq_one_letter_code_can   CGCXAAUUAGCG 
_entity_poly.pdbx_strand_id                 A 
_entity_poly.pdbx_target_identifier         ? 
# 
loop_
_entity_poly_seq.entity_id 
_entity_poly_seq.num 
_entity_poly_seq.mon_id 
_entity_poly_seq.hetero 
1 1  C   n 
1 2  G   n 
1 3  C   n 
1 4  2SG n 
1 5  A   n 
1 6  A   n 
1 7  U   n 
1 8  U   n 
1 9  A   n 
1 10 G   n 
1 11 C   n 
1 12 G   n 
# 
_pdbx_entity_src_syn.entity_id              1 
_pdbx_entity_src_syn.pdbx_src_id            1 
_pdbx_entity_src_syn.pdbx_alt_source_flag   sample 
_pdbx_entity_src_syn.pdbx_beg_seq_num       ? 
_pdbx_entity_src_syn.pdbx_end_seq_num       ? 
_pdbx_entity_src_syn.organism_scientific    'synthetic construct' 
_pdbx_entity_src_syn.organism_common_name   ? 
_pdbx_entity_src_syn.ncbi_taxonomy_id       32630 
_pdbx_entity_src_syn.details                ? 
# 
_struct_ref.id                         1 
_struct_ref.db_name                    PDB 
_struct_ref.db_code                    4RBY 
_struct_ref.pdbx_db_accession          4RBY 
_struct_ref.entity_id                  1 
_struct_ref.pdbx_align_begin           1 
_struct_ref.pdbx_seq_one_letter_code   'CGC(2SG)AAUUAGCG' 
_struct_ref.pdbx_db_isoform            ? 
# 
_struct_ref_seq.align_id                      1 
_struct_ref_seq.ref_id                        1 
_struct_ref_seq.pdbx_PDB_id_code              4RBY 
_struct_ref_seq.pdbx_strand_id                A 
_struct_ref_seq.seq_align_beg                 1 
_struct_ref_seq.pdbx_seq_align_beg_ins_code   ? 
_struct_ref_seq.seq_align_end                 12 
_struct_ref_seq.pdbx_seq_align_end_ins_code   ? 
_struct_ref_seq.pdbx_db_accession             4RBY 
_struct_ref_seq.db_align_beg                  101 
_struct_ref_seq.pdbx_db_align_beg_ins_code    ? 
_struct_ref_seq.db_align_end                  112 
_struct_ref_seq.pdbx_db_align_end_ins_code    ? 
_struct_ref_seq.pdbx_auth_seq_align_beg       101 
_struct_ref_seq.pdbx_auth_seq_align_end       112 
# 
loop_
_chem_comp.id 
_chem_comp.type 
_chem_comp.mon_nstd_flag 
_chem_comp.name 
_chem_comp.pdbx_synonyms 
_chem_comp.formula 
_chem_comp.formula_weight 
2SG 'RNA linking' n 'guanosine phosphorodithioate' ? 'C10 H16 N5 O6 P S2' 397.368 
A   'RNA linking' y "ADENOSINE-5'-MONOPHOSPHATE"   ? 'C10 H14 N5 O7 P'    347.221 
C   'RNA linking' y "CYTIDINE-5'-MONOPHOSPHATE"    ? 'C9 H14 N3 O8 P'     323.197 
G   'RNA linking' y "GUANOSINE-5'-MONOPHOSPHATE"   ? 'C10 H14 N5 O8 P'    363.221 
HOH non-polymer   . WATER                          ? 'H2 O'               18.015  
SR  non-polymer   . 'STRONTIUM ION'                ? 'Sr 2'               87.620  
U   'RNA linking' y "URIDINE-5'-MONOPHOSPHATE"     ? 'C9 H13 N2 O9 P'     324.181 
# 
_exptl.entry_id          4RBY 
_exptl.method            'X-RAY DIFFRACTION' 
_exptl.crystals_number   1 
# 
_exptl_crystal.id                    1 
_exptl_crystal.density_meas          ? 
_exptl_crystal.density_Matthews      2.29 
_exptl_crystal.density_percent_sol   46.30 
_exptl_crystal.description           ? 
_exptl_crystal.F_000                 ? 
_exptl_crystal.preparation           ? 
# 
_exptl_crystal_grow.crystal_id      1 
_exptl_crystal_grow.method          'VAPOR DIFFUSION, HANGING DROP' 
_exptl_crystal_grow.temp            291 
_exptl_crystal_grow.temp_details    ? 
_exptl_crystal_grow.pH              7.0 
_exptl_crystal_grow.pdbx_details    
;20 mM sodium cacodylate, 40 mM sodium chloride, 10 mM barium chloride, 6 mM spermine tetrahydrochloride, 5% v/v MPD, pH 7.0, VAPOR DIFFUSION, HANGING DROP, temperature 291K
;
_exptl_crystal_grow.pdbx_pH_range   ? 
# 
_diffrn.id                     1 
_diffrn.ambient_temp           100 
_diffrn.ambient_temp_details   ? 
_diffrn.crystal_id             1 
# 
_diffrn_detector.diffrn_id              1 
_diffrn_detector.detector               CCD 
_diffrn_detector.type                   'MARMOSAIC 325 mm CCD' 
_diffrn_detector.pdbx_collection_date   2012-10-11 
_diffrn_detector.details                ? 
# 
_diffrn_radiation.diffrn_id                        1 
_diffrn_radiation.wavelength_id                    1 
_diffrn_radiation.pdbx_monochromatic_or_laue_m_l   M 
_diffrn_radiation.monochromator                    'diamond(111)' 
_diffrn_radiation.pdbx_diffrn_protocol             'SINGLE WAVELENGTH' 
_diffrn_radiation.pdbx_scattering_type             x-ray 
# 
_diffrn_radiation_wavelength.id           1 
_diffrn_radiation_wavelength.wavelength   0.97872 
_diffrn_radiation_wavelength.wt           1.0 
# 
_diffrn_source.diffrn_id                   1 
_diffrn_source.source                      SYNCHROTRON 
_diffrn_source.type                        'APS BEAMLINE 21-ID-F' 
_diffrn_source.pdbx_synchrotron_site       APS 
_diffrn_source.pdbx_synchrotron_beamline   21-ID-F 
_diffrn_source.pdbx_wavelength             ? 
_diffrn_source.pdbx_wavelength_list        0.97872 
# 
_reflns.entry_id                     4RBY 
_reflns.observed_criterion_sigma_I   5 
_reflns.observed_criterion_sigma_F   ? 
_reflns.d_resolution_low             50 
_reflns.d_resolution_high            1.19 
_reflns.number_obs                   11213 
_reflns.number_all                   11477 
_reflns.percent_possible_obs         97.7 
_reflns.pdbx_Rmerge_I_obs            0.044 
_reflns.pdbx_Rsym_value              ? 
_reflns.pdbx_netI_over_sigmaI        16.49 
_reflns.B_iso_Wilson_estimate        ? 
_reflns.pdbx_redundancy              7.0 
_reflns.R_free_details               ? 
_reflns.limit_h_max                  ? 
_reflns.limit_h_min                  ? 
_reflns.limit_k_max                  ? 
_reflns.limit_k_min                  ? 
_reflns.limit_l_max                  ? 
_reflns.limit_l_min                  ? 
_reflns.observed_criterion_F_max     ? 
_reflns.observed_criterion_F_min     ? 
_reflns.pdbx_chi_squared             ? 
_reflns.pdbx_scaling_rejects         ? 
_reflns.pdbx_ordinal                 1 
_reflns.pdbx_diffrn_id               1 
# 
_reflns_shell.d_res_high             1.19 
_reflns_shell.d_res_low              1.23 
_reflns_shell.percent_possible_all   88.5 
_reflns_shell.Rmerge_I_obs           0.037 
_reflns_shell.pdbx_Rsym_value        ? 
_reflns_shell.meanI_over_sigI_obs    20.71 
_reflns_shell.pdbx_redundancy        5.2 
_reflns_shell.percent_possible_obs   ? 
_reflns_shell.number_unique_all      1012 
_reflns_shell.number_measured_all    ? 
_reflns_shell.number_measured_obs    ? 
_reflns_shell.number_unique_obs      ? 
_reflns_shell.pdbx_chi_squared       ? 
_reflns_shell.pdbx_ordinal           1 
_reflns_shell.pdbx_diffrn_id         1 
# 
_refine.entry_id                                 4RBY 
_refine.ls_number_reflns_obs                     11213 
_refine.ls_number_reflns_all                     ? 
_refine.pdbx_ls_sigma_I                          ? 
_refine.pdbx_ls_sigma_F                          ? 
_refine.pdbx_data_cutoff_high_absF               ? 
_refine.pdbx_data_cutoff_low_absF                ? 
_refine.pdbx_data_cutoff_high_rms_absF           ? 
_refine.ls_d_res_low                             50 
_refine.ls_d_res_high                            1.19 
_refine.ls_percent_reflns_obs                    97.7 
_refine.ls_R_factor_obs                          ? 
_refine.ls_R_factor_all                          ? 
_refine.ls_R_factor_R_work                       0.181 
_refine.ls_R_factor_R_free                       0.213 
_refine.ls_R_factor_R_free_error                 ? 
_refine.ls_R_factor_R_free_error_details         ? 
_refine.ls_percent_reflns_R_free                 ? 
_refine.ls_number_reflns_R_free                  554 
_refine.ls_number_parameters                     ? 
_refine.ls_number_restraints                     ? 
_refine.occupancy_min                            ? 
_refine.occupancy_max                            ? 
_refine.correlation_coeff_Fo_to_Fc               ? 
_refine.correlation_coeff_Fo_to_Fc_free          ? 
_refine.B_iso_mean                               ? 
_refine.aniso_B[1][1]                            ? 
_refine.aniso_B[2][2]                            ? 
_refine.aniso_B[3][3]                            ? 
_refine.aniso_B[1][2]                            ? 
_refine.aniso_B[1][3]                            ? 
_refine.aniso_B[2][3]                            ? 
_refine.solvent_model_details                    ? 
_refine.solvent_model_param_ksol                 ? 
_refine.solvent_model_param_bsol                 ? 
_refine.pdbx_solvent_vdw_probe_radii             ? 
_refine.pdbx_solvent_ion_probe_radii             ? 
_refine.pdbx_solvent_shrinkage_radii             ? 
_refine.pdbx_ls_cross_valid_method               ? 
_refine.details                                  ? 
_refine.pdbx_starting_model                      'PDB ENTRY 2Q1R' 
_refine.pdbx_method_to_determine_struct          'MOLECULAR REPLACEMENT' 
_refine.pdbx_isotropic_thermal_model             ? 
_refine.pdbx_stereochemistry_target_values       'Engh & Huber' 
_refine.pdbx_stereochem_target_val_spec_case     ? 
_refine.pdbx_R_Free_selection_details            RANDOM 
_refine.pdbx_overall_ESU_R                       ? 
_refine.pdbx_overall_ESU_R_Free                  ? 
_refine.overall_SU_ML                            ? 
_refine.pdbx_overall_phase_error                 ? 
_refine.overall_SU_B                             ? 
_refine.overall_SU_R_Cruickshank_DPI             ? 
_refine.ls_redundancy_reflns_obs                 ? 
_refine.B_iso_min                                ? 
_refine.B_iso_max                                ? 
_refine.overall_SU_R_free                        ? 
_refine.ls_wR_factor_R_free                      ? 
_refine.ls_wR_factor_R_work                      ? 
_refine.overall_FOM_free_R_set                   ? 
_refine.overall_FOM_work_R_set                   ? 
_refine.pdbx_diffrn_id                           1 
_refine.pdbx_refine_id                           'X-RAY DIFFRACTION' 
_refine.pdbx_TLS_residual_ADP_flag               ? 
_refine.pdbx_overall_SU_R_free_Cruickshank_DPI   ? 
_refine.pdbx_overall_SU_R_Blow_DPI               ? 
_refine.pdbx_overall_SU_R_free_Blow_DPI          ? 
# 
_refine_hist.pdbx_refine_id                   'X-RAY DIFFRACTION' 
_refine_hist.cycle_id                         LAST 
_refine_hist.pdbx_number_atoms_protein        0 
_refine_hist.pdbx_number_atoms_nucleic_acid   255 
_refine_hist.pdbx_number_atoms_ligand         2 
_refine_hist.number_atoms_solvent             100 
_refine_hist.number_atoms_total               357 
_refine_hist.d_res_high                       1.19 
_refine_hist.d_res_low                        50 
# 
loop_
_refine_ls_restr.type 
_refine_ls_restr.dev_ideal 
_refine_ls_restr.dev_ideal_target 
_refine_ls_restr.weight 
_refine_ls_restr.number 
_refine_ls_restr.pdbx_restraint_function 
_refine_ls_restr.pdbx_refine_id 
s_bond_d  0.011 ? ? ? ? 'X-RAY DIFFRACTION' 
s_angle_d 0.028 ? ? ? ? 'X-RAY DIFFRACTION' 
# 
_pdbx_refine.entry_id                                    4RBY 
_pdbx_refine.pdbx_refine_id                              'X-RAY DIFFRACTION' 
_pdbx_refine.R_factor_obs_no_cutoff                      0.181 
_pdbx_refine.free_R_factor_no_cutoff                     0.213 
_pdbx_refine.R_factor_all_no_cutoff                      ? 
_pdbx_refine.free_R_error_no_cutoff                      ? 
_pdbx_refine.free_R_val_test_set_size_perc_no_cutoff     ? 
_pdbx_refine.free_R_val_test_set_ct_no_cutoff            ? 
_pdbx_refine.R_factor_all_4sig_cutoff                    ? 
_pdbx_refine.R_factor_obs_4sig_cutoff                    ? 
_pdbx_refine.free_R_factor_4sig_cutoff                   ? 
_pdbx_refine.free_R_val_test_set_size_perc_4sig_cutoff   ? 
_pdbx_refine.free_R_val_test_set_ct_4sig_cutoff          ? 
_pdbx_refine.number_reflns_obs_4sig_cutoff               ? 
# 
_struct.entry_id                  4RBY 
_struct.title                     'First X-ray structure of RNA containing guanosine phosphorodithioate' 
_struct.pdbx_model_details        ? 
_struct.pdbx_CASP_flag            ? 
_struct.pdbx_model_type_details   ? 
# 
_struct_keywords.entry_id        4RBY 
_struct_keywords.pdbx_keywords   RNA 
_struct_keywords.text            
'phosphorodithioate RNA, guanosine phosphorodithioate, phosphorothioate, guanosine analogue, hydrophobic, backbone, RNA' 
# 
loop_
_struct_asym.id 
_struct_asym.pdbx_blank_PDB_chainid_flag 
_struct_asym.pdbx_modified 
_struct_asym.entity_id 
_struct_asym.details 
A N N 1 ? 
B N N 2 ? 
C N N 2 ? 
D N N 3 ? 
# 
_struct_biol.id        1 
_struct_biol.details   ? 
# 
loop_
_struct_conn.id 
_struct_conn.conn_type_id 
_struct_conn.pdbx_leaving_atom_flag 
_struct_conn.pdbx_PDB_id 
_struct_conn.ptnr1_label_asym_id 
_struct_conn.ptnr1_label_comp_id 
_struct_conn.ptnr1_label_seq_id 
_struct_conn.ptnr1_label_atom_id 
_struct_conn.pdbx_ptnr1_label_alt_id 
_struct_conn.pdbx_ptnr1_PDB_ins_code 
_struct_conn.pdbx_ptnr1_standard_comp_id 
_struct_conn.ptnr1_symmetry 
_struct_conn.ptnr2_label_asym_id 
_struct_conn.ptnr2_label_comp_id 
_struct_conn.ptnr2_label_seq_id 
_struct_conn.ptnr2_label_atom_id 
_struct_conn.pdbx_ptnr2_label_alt_id 
_struct_conn.pdbx_ptnr2_PDB_ins_code 
_struct_conn.ptnr1_auth_asym_id 
_struct_conn.ptnr1_auth_comp_id 
_struct_conn.ptnr1_auth_seq_id 
_struct_conn.ptnr2_auth_asym_id 
_struct_conn.ptnr2_auth_comp_id 
_struct_conn.ptnr2_auth_seq_id 
_struct_conn.ptnr2_symmetry 
_struct_conn.pdbx_ptnr3_label_atom_id 
_struct_conn.pdbx_ptnr3_label_seq_id 
_struct_conn.pdbx_ptnr3_label_comp_id 
_struct_conn.pdbx_ptnr3_label_asym_id 
_struct_conn.pdbx_ptnr3_label_alt_id 
_struct_conn.pdbx_ptnr3_PDB_ins_code 
_struct_conn.details 
_struct_conn.pdbx_dist_value 
_struct_conn.pdbx_value_order 
_struct_conn.pdbx_role 
covale1  covale both ? A C   3  "O3'" ? ? ? 1_555 A 2SG 4  P  ? ? A C   103 A 2SG 104 1_555 ? ? ? ? ? ? ?            1.595 ? ? 
covale2  covale both ? A 2SG 4  "O3'" ? ? ? 1_555 A A   5  P  ? ? A 2SG 104 A A   105 1_555 ? ? ? ? ? ? ?            1.598 ? ? 
metalc1  metalc ?    ? B SR  .  SR    ? ? ? 1_555 D HOH .  O  ? ? A SR  401 A HOH 515 1_555 ? ? ? ? ? ? ?            2.705 ? ? 
metalc2  metalc ?    ? B SR  .  SR    ? ? ? 1_555 D HOH .  O  ? ? A SR  401 A HOH 516 1_555 ? ? ? ? ? ? ?            2.746 ? ? 
metalc3  metalc ?    ? C SR  .  SR    ? ? ? 1_555 D HOH .  O  ? ? A SR  402 A HOH 515 1_555 ? ? ? ? ? ? ?            2.711 ? ? 
metalc4  metalc ?    ? C SR  .  SR    ? ? ? 1_555 D HOH .  O  ? ? A SR  402 A HOH 580 1_555 ? ? ? ? ? ? ?            2.794 ? ? 
metalc5  metalc ?    ? C SR  .  SR    ? ? ? 1_555 D HOH .  O  ? ? A SR  402 A HOH 585 1_555 ? ? ? ? ? ? ?            2.507 ? ? 
hydrog1  hydrog ?    ? A C   1  N3    ? ? ? 1_555 A G   12 N1 ? ? A C   101 A G   112 2_556 ? ? ? ? ? ? WATSON-CRICK ?     ? ? 
hydrog2  hydrog ?    ? A C   1  N4    ? ? ? 1_555 A G   12 O6 ? ? A C   101 A G   112 2_556 ? ? ? ? ? ? WATSON-CRICK ?     ? ? 
hydrog3  hydrog ?    ? A C   1  O2    ? ? ? 1_555 A G   12 N2 ? ? A C   101 A G   112 2_556 ? ? ? ? ? ? WATSON-CRICK ?     ? ? 
hydrog4  hydrog ?    ? A G   2  N1    ? ? ? 1_555 A C   11 N3 ? ? A G   102 A C   111 2_556 ? ? ? ? ? ? WATSON-CRICK ?     ? ? 
hydrog5  hydrog ?    ? A G   2  N2    ? ? ? 1_555 A C   11 O2 ? ? A G   102 A C   111 2_556 ? ? ? ? ? ? WATSON-CRICK ?     ? ? 
hydrog6  hydrog ?    ? A G   2  O6    ? ? ? 1_555 A C   11 N4 ? ? A G   102 A C   111 2_556 ? ? ? ? ? ? WATSON-CRICK ?     ? ? 
hydrog7  hydrog ?    ? A C   3  N3    ? ? ? 1_555 A G   10 N1 ? ? A C   103 A G   110 2_556 ? ? ? ? ? ? WATSON-CRICK ?     ? ? 
hydrog8  hydrog ?    ? A C   3  N4    ? ? ? 1_555 A G   10 O6 ? ? A C   103 A G   110 2_556 ? ? ? ? ? ? WATSON-CRICK ?     ? ? 
hydrog9  hydrog ?    ? A C   3  O2    ? ? ? 1_555 A G   10 N2 ? ? A C   103 A G   110 2_556 ? ? ? ? ? ? WATSON-CRICK ?     ? ? 
hydrog10 hydrog ?    ? A A   5  N1    ? ? ? 1_555 A U   8  N3 ? ? A A   105 A U   108 2_556 ? ? ? ? ? ? WATSON-CRICK ?     ? ? 
hydrog11 hydrog ?    ? A A   5  N6    ? ? ? 1_555 A U   8  O4 ? ? A A   105 A U   108 2_556 ? ? ? ? ? ? WATSON-CRICK ?     ? ? 
hydrog12 hydrog ?    ? A A   6  N1    ? ? ? 1_555 A U   7  N3 ? ? A A   106 A U   107 2_556 ? ? ? ? ? ? WATSON-CRICK ?     ? ? 
hydrog13 hydrog ?    ? A A   6  N6    ? ? ? 1_555 A U   7  O4 ? ? A A   106 A U   107 2_556 ? ? ? ? ? ? WATSON-CRICK ?     ? ? 
hydrog14 hydrog ?    ? A U   7  N3    ? ? ? 1_555 A A   6  N1 ? ? A U   107 A A   106 2_556 ? ? ? ? ? ? WATSON-CRICK ?     ? ? 
hydrog15 hydrog ?    ? A U   7  O4    ? ? ? 1_555 A A   6  N6 ? ? A U   107 A A   106 2_556 ? ? ? ? ? ? WATSON-CRICK ?     ? ? 
hydrog16 hydrog ?    ? A U   8  N3    ? ? ? 1_555 A A   5  N1 ? ? A U   108 A A   105 2_556 ? ? ? ? ? ? WATSON-CRICK ?     ? ? 
hydrog17 hydrog ?    ? A U   8  O4    ? ? ? 1_555 A A   5  N6 ? ? A U   108 A A   105 2_556 ? ? ? ? ? ? WATSON-CRICK ?     ? ? 
hydrog18 hydrog ?    ? A G   10 N1    ? ? ? 1_555 A C   3  N3 ? ? A G   110 A C   103 2_556 ? ? ? ? ? ? WATSON-CRICK ?     ? ? 
hydrog19 hydrog ?    ? A G   10 N2    ? ? ? 1_555 A C   3  O2 ? ? A G   110 A C   103 2_556 ? ? ? ? ? ? WATSON-CRICK ?     ? ? 
hydrog20 hydrog ?    ? A G   10 O6    ? ? ? 1_555 A C   3  N4 ? ? A G   110 A C   103 2_556 ? ? ? ? ? ? WATSON-CRICK ?     ? ? 
hydrog21 hydrog ?    ? A C   11 N3    ? ? ? 1_555 A G   2  N1 ? ? A C   111 A G   102 2_556 ? ? ? ? ? ? WATSON-CRICK ?     ? ? 
hydrog22 hydrog ?    ? A C   11 N4    ? ? ? 1_555 A G   2  O6 ? ? A C   111 A G   102 2_556 ? ? ? ? ? ? WATSON-CRICK ?     ? ? 
hydrog23 hydrog ?    ? A C   11 O2    ? ? ? 1_555 A G   2  N2 ? ? A C   111 A G   102 2_556 ? ? ? ? ? ? WATSON-CRICK ?     ? ? 
hydrog24 hydrog ?    ? A G   12 N1    ? ? ? 1_555 A C   1  N3 ? ? A G   112 A C   101 2_556 ? ? ? ? ? ? WATSON-CRICK ?     ? ? 
hydrog25 hydrog ?    ? A G   12 N2    ? ? ? 1_555 A C   1  O2 ? ? A G   112 A C   101 2_556 ? ? ? ? ? ? WATSON-CRICK ?     ? ? 
hydrog26 hydrog ?    ? A G   12 O6    ? ? ? 1_555 A C   1  N4 ? ? A G   112 A C   101 2_556 ? ? ? ? ? ? WATSON-CRICK ?     ? ? 
# 
loop_
_struct_conn_type.id 
_struct_conn_type.criteria 
_struct_conn_type.reference 
covale ? ? 
metalc ? ? 
hydrog ? ? 
# 
loop_
_struct_site.id 
_struct_site.pdbx_evidence_code 
_struct_site.pdbx_auth_asym_id 
_struct_site.pdbx_auth_comp_id 
_struct_site.pdbx_auth_seq_id 
_struct_site.pdbx_auth_ins_code 
_struct_site.pdbx_num_residues 
_struct_site.details 
AC1 Software A SR 401 ? 6 'BINDING SITE FOR RESIDUE SR A 401' 
AC2 Software A SR 402 ? 7 'BINDING SITE FOR RESIDUE SR A 402' 
# 
loop_
_struct_site_gen.id 
_struct_site_gen.site_id 
_struct_site_gen.pdbx_num_res 
_struct_site_gen.label_comp_id 
_struct_site_gen.label_asym_id 
_struct_site_gen.label_seq_id 
_struct_site_gen.pdbx_auth_ins_code 
_struct_site_gen.auth_comp_id 
_struct_site_gen.auth_asym_id 
_struct_site_gen.auth_seq_id 
_struct_site_gen.label_atom_id 
_struct_site_gen.label_alt_id 
_struct_site_gen.symmetry 
_struct_site_gen.details 
1  AC1 6 U   A 8 ? U   A 108 . ? 1_555 ? 
2  AC1 6 SR  C . ? SR  A 402 . ? 1_555 ? 
3  AC1 6 HOH D . ? HOH A 515 . ? 1_555 ? 
4  AC1 6 HOH D . ? HOH A 516 . ? 1_555 ? 
5  AC1 6 HOH D . ? HOH A 541 . ? 2_556 ? 
6  AC1 6 HOH D . ? HOH A 567 . ? 2_556 ? 
7  AC2 7 SR  B . ? SR  A 401 . ? 1_555 ? 
8  AC2 7 HOH D . ? HOH A 504 . ? 1_555 ? 
9  AC2 7 HOH D . ? HOH A 515 . ? 1_555 ? 
10 AC2 7 HOH D . ? HOH A 541 . ? 2_556 ? 
11 AC2 7 HOH D . ? HOH A 567 . ? 2_556 ? 
12 AC2 7 HOH D . ? HOH A 580 . ? 1_555 ? 
13 AC2 7 HOH D . ? HOH A 585 . ? 1_555 ? 
# 
_atom_sites.entry_id                    4RBY 
_atom_sites.fract_transf_matrix[1][1]   0.00210964 
_atom_sites.fract_transf_matrix[1][2]   0.02609065 
_atom_sites.fract_transf_matrix[1][3]   0.01724960 
_atom_sites.fract_transf_matrix[2][1]   0.02801120 
_atom_sites.fract_transf_matrix[2][2]   0.00131183 
_atom_sites.fract_transf_matrix[2][3]   -0.00540999 
_atom_sites.fract_transf_matrix[3][1]   -0.00404194 
_atom_sites.fract_transf_matrix[3][2]   0.03832779 
_atom_sites.fract_transf_matrix[3][3]   -0.01163400 
_atom_sites.fract_transf_vector[1]      -0.084293 
_atom_sites.fract_transf_vector[2]      0.015277 
_atom_sites.fract_transf_vector[3]      0.443865 
# 
loop_
_atom_type.symbol 
C  
N  
O  
P  
S  
SR 
# 
loop_
_atom_site.group_PDB 
_atom_site.id 
_atom_site.type_symbol 
_atom_site.label_atom_id 
_atom_site.label_alt_id 
_atom_site.label_comp_id 
_atom_site.label_asym_id 
_atom_site.label_entity_id 
_atom_site.label_seq_id 
_atom_site.pdbx_PDB_ins_code 
_atom_site.Cartn_x 
_atom_site.Cartn_y 
_atom_site.Cartn_z 
_atom_site.occupancy 
_atom_site.B_iso_or_equiv 
_atom_site.pdbx_formal_charge 
_atom_site.auth_seq_id 
_atom_site.auth_comp_id 
_atom_site.auth_asym_id 
_atom_site.auth_atom_id 
_atom_site.pdbx_PDB_model_num 
ATOM   1   O  "O5'" A C   A 1 1  ? 1.765   16.187  0.426   0.60 15.00 ? 101 C   A "O5'" 1 
ATOM   2   O  "O5'" B C   A 1 1  ? 2.707   18.017  -0.959  0.40 13.97 ? 101 C   A "O5'" 1 
ATOM   3   C  "C5'" . C   A 1 1  ? 2.862   16.740  -0.320  1.00 14.10 ? 101 C   A "C5'" 1 
ATOM   4   C  "C4'" . C   A 1 1  ? 4.107   16.751  0.528   1.00 9.95  ? 101 C   A "C4'" 1 
ATOM   5   O  "O4'" . C   A 1 1  ? 3.912   17.556  1.731   1.00 10.05 ? 101 C   A "O4'" 1 
ATOM   6   C  "C3'" . C   A 1 1  ? 4.560   15.406  1.079   1.00 9.76  ? 101 C   A "C3'" 1 
ATOM   7   O  "O3'" . C   A 1 1  ? 5.215   14.642  0.075   1.00 10.34 ? 101 C   A "O3'" 1 
ATOM   8   C  "C2'" . C   A 1 1  ? 5.469   15.808  2.225   1.00 10.23 ? 101 C   A "C2'" 1 
ATOM   9   O  "O2'" . C   A 1 1  ? 6.679   16.362  1.702   1.00 10.37 ? 101 C   A "O2'" 1 
ATOM   10  C  "C1'" . C   A 1 1  ? 4.656   16.959  2.804   1.00 9.12  ? 101 C   A "C1'" 1 
ATOM   11  N  N1    . C   A 1 1  ? 3.693   16.558  3.847   1.00 8.25  ? 101 C   A N1    1 
ATOM   12  C  C2    . C   A 1 1  ? 4.235   16.300  5.110   1.00 9.14  ? 101 C   A C2    1 
ATOM   13  O  O2    . C   A 1 1  ? 5.450   16.415  5.254   1.00 8.96  ? 101 C   A O2    1 
ATOM   14  N  N3    . C   A 1 1  ? 3.410   15.938  6.114   1.00 7.55  ? 101 C   A N3    1 
ATOM   15  C  C4    . C   A 1 1  ? 2.114   15.842  5.892   1.00 7.13  ? 101 C   A C4    1 
ATOM   16  N  N4    . C   A 1 1  ? 1.355   15.476  6.920   1.00 9.22  ? 101 C   A N4    1 
ATOM   17  C  C5    . C   A 1 1  ? 1.553   16.102  4.619   1.00 9.05  ? 101 C   A C5    1 
ATOM   18  C  C6    . C   A 1 1  ? 2.364   16.461  3.626   1.00 8.77  ? 101 C   A C6    1 
ATOM   19  P  P     . G   A 1 2  ? 5.283   13.042  0.155   1.00 11.53 ? 102 G   A P     1 
ATOM   20  O  OP1   . G   A 1 2  ? 5.925   12.580  -1.108  1.00 12.47 ? 102 G   A OP1   1 
ATOM   21  O  OP2   . G   A 1 2  ? 3.976   12.491  0.606   1.00 11.02 ? 102 G   A OP2   1 
ATOM   22  O  "O5'" . G   A 1 2  ? 6.261   12.744  1.360   1.00 10.64 ? 102 G   A "O5'" 1 
ATOM   23  C  "C5'" . G   A 1 2  ? 7.665   13.062  1.252   1.00 11.77 ? 102 G   A "C5'" 1 
ATOM   24  C  "C4'" . G   A 1 2  ? 8.290   12.648  2.556   1.00 9.26  ? 102 G   A "C4'" 1 
ATOM   25  O  "O4'" . G   A 1 2  ? 7.742   13.415  3.645   1.00 10.67 ? 102 G   A "O4'" 1 
ATOM   26  C  "C3'" . G   A 1 2  ? 8.023   11.209  2.960   1.00 10.29 ? 102 G   A "C3'" 1 
ATOM   27  O  "O3'" . G   A 1 2  ? 8.871   10.313  2.280   1.00 11.32 ? 102 G   A "O3'" 1 
ATOM   28  C  "C2'" . G   A 1 2  ? 8.310   11.210  4.445   1.00 9.99  ? 102 G   A "C2'" 1 
ATOM   29  O  "O2'" . G   A 1 2  ? 9.716   11.423  4.677   1.00 12.52 ? 102 G   A "O2'" 1 
ATOM   30  C  "C1'" . G   A 1 2  ? 7.691   12.532  4.813   1.00 9.46  ? 102 G   A "C1'" 1 
ATOM   31  N  N9    . G   A 1 2  ? 6.280   12.557  5.213   1.00 8.80  ? 102 G   A N9    1 
ATOM   32  C  C8    . G   A 1 2  ? 5.193   12.962  4.493   1.00 11.08 ? 102 G   A C8    1 
ATOM   33  N  N7    . G   A 1 2  ? 4.080   12.844  5.192   1.00 9.30  ? 102 G   A N7    1 
ATOM   34  C  C5    . G   A 1 2  ? 4.475   12.347  6.418   1.00 9.28  ? 102 G   A C5    1 
ATOM   35  C  C6    . G   A 1 2  ? 3.739   12.011  7.594   1.00 8.46  ? 102 G   A C6    1 
ATOM   36  O  O6    . G   A 1 2  ? 2.527   12.091  7.787   1.00 9.52  ? 102 G   A O6    1 
ATOM   37  N  N1    . G   A 1 2  ? 4.555   11.537  8.602   1.00 7.68  ? 102 G   A N1    1 
ATOM   38  C  C2    . G   A 1 2  ? 5.921   11.402  8.503   1.00 10.69 ? 102 G   A C2    1 
ATOM   39  N  N2    . G   A 1 2  ? 6.548   10.919  9.602   1.00 11.33 ? 102 G   A N2    1 
ATOM   40  N  N3    . G   A 1 2  ? 6.636   11.707  7.422   1.00 8.67  ? 102 G   A N3    1 
ATOM   41  C  C4    . G   A 1 2  ? 5.847   12.166  6.444   1.00 8.62  ? 102 G   A C4    1 
ATOM   42  P  P     . C   A 1 3  ? 8.351   8.815   2.059   1.00 11.07 ? 103 C   A P     1 
ATOM   43  O  OP1   . C   A 1 3  ? 9.407   8.217   1.187   1.00 15.09 ? 103 C   A OP1   1 
ATOM   44  O  OP2   . C   A 1 3  ? 6.944   8.752   1.707   1.00 12.63 ? 103 C   A OP2   1 
ATOM   45  O  "O5'" . C   A 1 3  ? 8.416   8.160   3.517   1.00 11.84 ? 103 C   A "O5'" 1 
ATOM   46  C  "C5'" . C   A 1 3  ? 9.681   7.977   4.180   1.00 11.87 ? 103 C   A "C5'" 1 
ATOM   47  C  "C4'" . C   A 1 3  ? 9.450   7.406   5.551   1.00 10.69 ? 103 C   A "C4'" 1 
ATOM   48  O  "O4'" . C   A 1 3  ? 8.715   8.355   6.385   1.00 10.13 ? 103 C   A "O4'" 1 
ATOM   49  C  "C3'" . C   A 1 3  ? 8.606   6.132   5.639   1.00 8.25  ? 103 C   A "C3'" 1 
ATOM   50  O  "O3'" . C   A 1 3  ? 9.363   5.010   5.248   1.00 8.51  ? 103 C   A "O3'" 1 
ATOM   51  C  "C2'" . C   A 1 3  ? 8.216   6.130   7.097   1.00 8.30  ? 103 C   A "C2'" 1 
ATOM   52  O  "O2'" . C   A 1 3  ? 9.334   5.890   7.945   1.00 9.75  ? 103 C   A "O2'" 1 
ATOM   53  C  "C1'" . C   A 1 3  ? 7.875   7.588   7.294   1.00 9.50  ? 103 C   A "C1'" 1 
ATOM   54  N  N1    . C   A 1 3  ? 6.482   7.992   7.016   1.00 8.68  ? 103 C   A N1    1 
ATOM   55  C  C2    . C   A 1 3  ? 5.557   7.833   8.048   1.00 9.35  ? 103 C   A C2    1 
ATOM   56  O  O2    . C   A 1 3  ? 5.909   7.365   9.125   1.00 8.47  ? 103 C   A O2    1 
ATOM   57  N  N3    . C   A 1 3  ? 4.264   8.206   7.828   1.00 8.41  ? 103 C   A N3    1 
ATOM   58  C  C4    . C   A 1 3  ? 3.926   8.699   6.654   1.00 8.83  ? 103 C   A C4    1 
ATOM   59  N  N4    . C   A 1 3  ? 2.642   9.049   6.469   1.00 9.33  ? 103 C   A N4    1 
ATOM   60  C  C5    . C   A 1 3  ? 4.852   8.866   5.582   1.00 9.07  ? 103 C   A C5    1 
ATOM   61  C  C6    . C   A 1 3  ? 6.129   8.509   5.806   1.00 10.82 ? 103 C   A C6    1 
HETATM 62  P  P     . 2SG A 1 4  ? 8.927   3.929   4.159   1.00 8.45  ? 104 2SG A P     1 
HETATM 63  S  SP1   . 2SG A 1 4  ? 10.564  3.278   3.377   1.00 11.01 ? 104 2SG A SP1   1 
HETATM 64  S  SP2   . 2SG A 1 4  ? 7.522   4.654   3.032   1.00 10.47 ? 104 2SG A SP2   1 
HETATM 65  O  "O5'" . 2SG A 1 4  ? 8.241   2.768   5.022   1.00 9.44  ? 104 2SG A "O5'" 1 
HETATM 66  C  "C5'" . 2SG A 1 4  ? 9.027   1.967   5.930   1.00 7.87  ? 104 2SG A "C5'" 1 
HETATM 67  C  "C4'" . 2SG A 1 4  ? 8.248   1.678   7.179   1.00 7.18  ? 104 2SG A "C4'" 1 
HETATM 68  C  "C3'" . 2SG A 1 4  ? 6.917   0.952   7.015   1.00 9.12  ? 104 2SG A "C3'" 1 
HETATM 69  O  "O3'" . 2SG A 1 4  ? 7.120   -0.419  6.747   1.00 8.11  ? 104 2SG A "O3'" 1 
HETATM 70  C  "C2'" . 2SG A 1 4  ? 6.262   1.216   8.356   1.00 8.43  ? 104 2SG A "C2'" 1 
HETATM 71  O  "O2'" . 2SG A 1 4  ? 6.969   0.481   9.355   1.00 9.07  ? 104 2SG A "O2'" 1 
HETATM 72  C  "C1'" . 2SG A 1 4  ? 6.588   2.707   8.498   1.00 8.30  ? 104 2SG A "C1'" 1 
HETATM 73  O  "O4'" . 2SG A 1 4  ? 7.835   2.910   7.827   1.00 8.86  ? 104 2SG A "O4'" 1 
HETATM 74  N  N9    . 2SG A 1 4  ? 5.584   3.554   7.896   1.00 7.90  ? 104 2SG A N9    1 
HETATM 75  C  C4    . 2SG A 1 4  ? 4.374   3.893   8.461   1.00 7.76  ? 104 2SG A C4    1 
HETATM 76  C  C5    . 2SG A 1 4  ? 3.738   4.665   7.529   1.00 8.00  ? 104 2SG A C5    1 
HETATM 77  N  N7    . 2SG A 1 4  ? 4.524   4.810   6.392   1.00 8.65  ? 104 2SG A N7    1 
HETATM 78  C  C8    . 2SG A 1 4  ? 5.599   4.139   6.653   1.00 6.60  ? 104 2SG A C8    1 
HETATM 79  N  N3    . 2SG A 1 4  ? 3.995   3.473   9.677   1.00 9.05  ? 104 2SG A N3    1 
HETATM 80  C  C2    . 2SG A 1 4  ? 2.771   3.965   9.933   1.00 7.86  ? 104 2SG A C2    1 
HETATM 81  N  N2    . 2SG A 1 4  ? 2.160   3.609   11.072  1.00 10.74 ? 104 2SG A N2    1 
HETATM 82  N  N1    . 2SG A 1 4  ? 2.055   4.746   9.111   1.00 8.14  ? 104 2SG A N1    1 
HETATM 83  C  C6    . 2SG A 1 4  ? 2.453   5.200   7.859   1.00 7.12  ? 104 2SG A C6    1 
HETATM 84  O  O6    . 2SG A 1 4  ? 1.739   5.919   7.160   1.00 8.72  ? 104 2SG A O6    1 
ATOM   85  P  P     . A   A 1 5  ? 6.010   -1.246  5.948   1.00 10.16 ? 105 A   A P     1 
ATOM   86  O  OP1   . A   A 1 5  ? 6.603   -2.614  5.822   1.00 12.92 ? 105 A   A OP1   1 
ATOM   87  O  OP2   . A   A 1 5  ? 5.635   -0.490  4.751   1.00 10.82 ? 105 A   A OP2   1 
ATOM   88  O  "O5'" . A   A 1 5  ? 4.730   -1.205  6.879   1.00 10.59 ? 105 A   A "O5'" 1 
ATOM   89  C  "C5'" . A   A 1 5  ? 4.819   -1.813  8.183   1.00 10.70 ? 105 A   A "C5'" 1 
ATOM   90  C  "C4'" . A   A 1 5  ? 3.540   -1.601  8.936   1.00 9.71  ? 105 A   A "C4'" 1 
ATOM   91  O  "O4'" . A   A 1 5  ? 3.293   -0.184  9.111   1.00 10.08 ? 105 A   A "O4'" 1 
ATOM   92  C  "C3'" . A   A 1 5  ? 2.273   -2.097  8.252   1.00 9.21  ? 105 A   A "C3'" 1 
ATOM   93  O  "O3'" . A   A 1 5  ? 2.129   -3.512  8.413   1.00 9.82  ? 105 A   A "O3'" 1 
ATOM   94  C  "C2'" . A   A 1 5  ? 1.193   -1.308  8.937   1.00 10.53 ? 105 A   A "C2'" 1 
ATOM   95  O  "O2'" . A   A 1 5  ? 0.952   -1.768  10.277  1.00 12.53 ? 105 A   A "O2'" 1 
ATOM   96  C  "C1'" . A   A 1 5  ? 1.881   0.031   9.111   1.00 10.01 ? 105 A   A "C1'" 1 
ATOM   97  N  N9    . A   A 1 5  ? 1.606   0.987   8.030   1.00 9.45  ? 105 A   A N9    1 
ATOM   98  C  C8    . A   A 1 5  ? 2.424   1.272   6.983   1.00 9.80  ? 105 A   A C8    1 
ATOM   99  N  N7    . A   A 1 5  ? 1.879   2.187   6.186   1.00 11.78 ? 105 A   A N7    1 
ATOM   100 C  C5    . A   A 1 5  ? 0.674   2.482   6.755   1.00 10.64 ? 105 A   A C5    1 
ATOM   101 C  C6    . A   A 1 5  ? -0.353  3.378   6.372   1.00 11.74 ? 105 A   A C6    1 
ATOM   102 N  N6    . A   A 1 5  ? -0.284  4.142   5.282   1.00 11.80 ? 105 A   A N6    1 
ATOM   103 N  N1    . A   A 1 5  ? -1.424  3.444   7.158   1.00 10.67 ? 105 A   A N1    1 
ATOM   104 C  C2    . A   A 1 5  ? -1.505  2.684   8.248   1.00 10.78 ? 105 A   A C2    1 
ATOM   105 N  N3    . A   A 1 5  ? -0.597  1.799   8.710   1.00 10.99 ? 105 A   A N3    1 
ATOM   106 C  C4    . A   A 1 5  ? 0.471   1.754   7.907   1.00 9.92  ? 105 A   A C4    1 
ATOM   107 P  P     . A   A 1 6  ? 1.379   -4.383  7.302   1.00 9.73  ? 106 A   A P     1 
ATOM   108 O  OP1   . A   A 1 6  ? 1.718   -5.781  7.689   1.00 12.43 ? 106 A   A OP1   1 
ATOM   109 O  OP2   . A   A 1 6  ? 1.628   -3.866  5.941   1.00 11.94 ? 106 A   A OP2   1 
ATOM   110 O  "O5'" . A   A 1 6  ? -0.176  -4.134  7.535   1.00 10.24 ? 106 A   A "O5'" 1 
ATOM   111 C  "C5'" . A   A 1 6  ? -0.804  -4.503  8.779   1.00 10.78 ? 106 A   A "C5'" 1 
ATOM   112 C  "C4'" . A   A 1 6  ? -2.181  -3.892  8.829   1.00 10.74 ? 106 A   A "C4'" 1 
ATOM   113 O  "O4'" . A   A 1 6  ? -2.105  -2.446  8.928   1.00 10.27 ? 106 A   A "O4'" 1 
ATOM   114 C  "C3'" . A   A 1 6  ? -3.033  -4.107  7.593   1.00 9.00  ? 106 A   A "C3'" 1 
ATOM   115 O  "O3'" . A   A 1 6  ? -3.619  -5.401  7.579   1.00 9.96  ? 106 A   A "O3'" 1 
ATOM   116 C  "C2'" . A   A 1 6  ? -4.063  -3.005  7.716   1.00 10.50 ? 106 A   A "C2'" 1 
ATOM   117 O  "O2'" . A   A 1 6  ? -4.968  -3.352  8.731   1.00 10.84 ? 106 A   A "O2'" 1 
ATOM   118 C  "C1'" . A   A 1 6  ? -3.168  -1.867  8.169   1.00 8.79  ? 106 A   A "C1'" 1 
ATOM   119 N  N9    . A   A 1 6  ? -2.559  -1.120  7.071   1.00 7.72  ? 106 A   A N9    1 
ATOM   120 C  C8    . A   A 1 6  ? -1.338  -1.312  6.489   1.00 8.01  ? 106 A   A C8    1 
ATOM   121 N  N7    . A   A 1 6  ? -1.080  -0.458  5.522   1.00 8.04  ? 106 A   A N7    1 
ATOM   122 C  C5    . A   A 1 6  ? -2.210  0.341   5.479   1.00 7.19  ? 106 A   A C5    1 
ATOM   123 C  C6    . A   A 1 6  ? -2.536  1.427   4.658   1.00 7.94  ? 106 A   A C6    1 
ATOM   124 N  N6    . A   A 1 6  ? -1.727  1.894   3.708   1.00 9.14  ? 106 A   A N6    1 
ATOM   125 N  N1    . A   A 1 6  ? -3.743  2.018   4.856   1.00 8.30  ? 106 A   A N1    1 
ATOM   126 C  C2    . A   A 1 6  ? -4.524  1.525   5.815   1.00 9.78  ? 106 A   A C2    1 
ATOM   127 N  N3    . A   A 1 6  ? -4.340  0.510   6.660   1.00 8.86  ? 106 A   A N3    1 
ATOM   128 C  C4    . A   A 1 6  ? -3.123  -0.044  6.423   1.00 7.40  ? 106 A   A C4    1 
ATOM   129 P  P     . U   A 1 7  ? -3.941  -6.119  6.203   1.00 10.30 ? 107 U   A P     1 
ATOM   130 O  OP1   . U   A 1 7  ? -4.341  -7.498  6.587   1.00 12.85 ? 107 U   A OP1   1 
ATOM   131 O  OP2   . U   A 1 7  ? -2.825  -5.944  5.246   1.00 11.37 ? 107 U   A OP2   1 
ATOM   132 O  "O5'" . U   A 1 7  ? -5.182  -5.321  5.609   1.00 8.46  ? 107 U   A "O5'" 1 
ATOM   133 C  "C5'" . U   A 1 7  ? -6.443  -5.241  6.310   1.00 11.93 ? 107 U   A "C5'" 1 
ATOM   134 C  "C4'" . U   A 1 7  ? -7.317  -4.239  5.597   1.00 9.57  ? 107 U   A "C4'" 1 
ATOM   135 O  "O4'" . U   A 1 7  ? -6.700  -2.939  5.687   1.00 8.73  ? 107 U   A "O4'" 1 
ATOM   136 C  "C3'" . U   A 1 7  ? -7.484  -4.406  4.107   1.00 9.38  ? 107 U   A "C3'" 1 
ATOM   137 O  "O3'" . U   A 1 7  ? -8.404  -5.460  3.844   1.00 8.76  ? 107 U   A "O3'" 1 
ATOM   138 C  "C2'" . U   A 1 7  ? -7.960  -3.035  3.660   1.00 8.30  ? 107 U   A "C2'" 1 
ATOM   139 O  "O2'" . U   A 1 7  ? -9.296  -2.882  4.139   1.00 10.17 ? 107 U   A "O2'" 1 
ATOM   140 C  "C1'" . U   A 1 7  ? -7.017  -2.187  4.512   1.00 9.91  ? 107 U   A "C1'" 1 
ATOM   141 N  N1    . U   A 1 7  ? -5.743  -1.842  3.857   1.00 7.96  ? 107 U   A N1    1 
ATOM   142 C  C2    . U   A 1 7  ? -5.793  -0.772  2.984   1.00 8.59  ? 107 U   A C2    1 
ATOM   143 O  O2    . U   A 1 7  ? -6.824  -0.137  2.758   1.00 10.09 ? 107 U   A O2    1 
ATOM   144 N  N3    . U   A 1 7  ? -4.608  -0.425  2.354   1.00 7.79  ? 107 U   A N3    1 
ATOM   145 C  C4    . U   A 1 7  ? -3.419  -1.093  2.559   1.00 7.55  ? 107 U   A C4    1 
ATOM   146 O  O4    . U   A 1 7  ? -2.432  -0.694  1.943   1.00 8.11  ? 107 U   A O4    1 
ATOM   147 C  C5    . U   A 1 7  ? -3.444  -2.182  3.467   1.00 8.16  ? 107 U   A C5    1 
ATOM   148 C  C6    . U   A 1 7  ? -4.590  -2.534  4.083   1.00 7.59  ? 107 U   A C6    1 
ATOM   149 P  P     . U   A 1 8  ? -8.218  -6.339  2.522   1.00 11.30 ? 108 U   A P     1 
ATOM   150 O  OP1   . U   A 1 8  ? -9.259  -7.411  2.596   1.00 16.00 ? 108 U   A OP1   1 
ATOM   151 O  OP2   . U   A 1 8  ? -6.792  -6.684  2.345   1.00 12.04 ? 108 U   A OP2   1 
ATOM   152 O  "O5'" . U   A 1 8  ? -8.600  -5.308  1.387   1.00 13.06 ? 108 U   A "O5'" 1 
ATOM   153 C  "C5'" . U   A 1 8  ? -9.921  -4.745  1.294   1.00 12.08 ? 108 U   A "C5'" 1 
ATOM   154 C  "C4'" . U   A 1 8  ? -9.886  -3.722  0.192   1.00 15.86 ? 108 U   A "C4'" 1 
ATOM   155 O  "O4'" . U   A 1 8  ? -9.019  -2.618  0.563   1.00 13.40 ? 108 U   A "O4'" 1 
ATOM   156 C  "C3'" . U   A 1 8  ? -9.303  -4.180  -1.142  1.00 16.11 ? 108 U   A "C3'" 1 
ATOM   157 O  "O3'" . U   A 1 8  ? -10.194 -5.041  -1.841  1.00 19.07 ? 108 U   A "O3'" 1 
ATOM   158 C  "C2'" . U   A 1 8  ? -9.041  -2.837  -1.810  1.00 19.05 ? 108 U   A "C2'" 1 
ATOM   159 O  "O2'" . U   A 1 8  ? -10.223 -2.117  -2.111  1.00 19.22 ? 108 U   A "O2'" 1 
ATOM   160 C  "C1'" . U   A 1 8  ? -8.425  -2.087  -0.621  1.00 14.81 ? 108 U   A "C1'" 1 
ATOM   161 N  N1    . U   A 1 8  ? -6.977  -2.242  -0.532  1.00 13.47 ? 108 U   A N1    1 
ATOM   162 C  C2    . U   A 1 8  ? -6.206  -1.392  -1.290  1.00 12.67 ? 108 U   A C2    1 
ATOM   163 O  O2    . U   A 1 8  ? -6.717  -0.548  -2.013  1.00 17.85 ? 108 U   A O2    1 
ATOM   164 N  N3    . U   A 1 8  ? -4.871  -1.556  -1.187  1.00 11.25 ? 108 U   A N3    1 
ATOM   165 C  C4    . U   A 1 8  ? -4.215  -2.459  -0.414  1.00 11.04 ? 108 U   A C4    1 
ATOM   166 O  O4    . U   A 1 8  ? -3.004  -2.505  -0.413  1.00 11.85 ? 108 U   A O4    1 
ATOM   167 C  C5    . U   A 1 8  ? -5.069  -3.327  0.360   1.00 12.35 ? 108 U   A C5    1 
ATOM   168 C  C6    . U   A 1 8  ? -6.393  -3.191  0.283   1.00 16.22 ? 108 U   A C6    1 
ATOM   169 P  P     . A   A 1 9  ? -9.675  -6.384  -2.548  1.00 15.89 ? 109 A   A P     1 
ATOM   170 O  OP1   . A   A 1 9  ? -10.813 -7.331  -2.511  1.00 17.90 ? 109 A   A OP1   1 
ATOM   171 O  OP2   . A   A 1 9  ? -8.349  -6.770  -2.006  1.00 17.50 ? 109 A   A OP2   1 
ATOM   172 O  "O5'" . A   A 1 9  ? -9.416  -5.924  -4.058  1.00 13.77 ? 109 A   A "O5'" 1 
ATOM   173 C  "C5'" . A   A 1 9  ? -10.472 -5.436  -4.897  1.00 12.87 ? 109 A   A "C5'" 1 
ATOM   174 C  "C4'" . A   A 1 9  ? -9.925  -4.391  -5.842  1.00 13.88 ? 109 A   A "C4'" 1 
ATOM   175 O  "O4'" . A   A 1 9  ? -9.343  -3.258  -5.122  1.00 12.20 ? 109 A   A "O4'" 1 
ATOM   176 C  "C3'" . A   A 1 9  ? -8.782  -4.830  -6.744  1.00 8.71  ? 109 A   A "C3'" 1 
ATOM   177 O  "O3'" . A   A 1 9  ? -9.251  -5.672  -7.779  1.00 9.25  ? 109 A   A "O3'" 1 
ATOM   178 C  "C2'" . A   A 1 9  ? -8.253  -3.466  -7.190  1.00 9.63  ? 109 A   A "C2'" 1 
ATOM   179 O  "O2'" . A   A 1 9  ? -9.095  -2.878  -8.120  1.00 10.10 ? 109 A   A "O2'" 1 
ATOM   180 C  "C1'" . A   A 1 9  ? -8.265  -2.719  -5.853  1.00 9.05  ? 109 A   A "C1'" 1 
ATOM   181 N  N9    . A   A 1 9  ? -7.022  -2.949  -5.134  1.00 10.15 ? 109 A   A N9    1 
ATOM   182 C  C8    . A   A 1 9  ? -6.776  -3.826  -4.124  1.00 12.63 ? 109 A   A C8    1 
ATOM   183 N  N7    . A   A 1 9  ? -5.544  -3.815  -3.672  1.00 9.50  ? 109 A   A N7    1 
ATOM   184 C  C5    . A   A 1 9  ? -4.936  -2.867  -4.462  1.00 8.59  ? 109 A   A C5    1 
ATOM   185 C  C6    . A   A 1 9  ? -3.592  -2.390  -4.477  1.00 7.06  ? 109 A   A C6    1 
ATOM   186 N  N6    . A   A 1 9  ? -2.678  -2.854  -3.640  1.00 7.56  ? 109 A   A N6    1 
ATOM   187 N  N1    . A   A 1 9  ? -3.329  -1.451  -5.386  1.00 8.18  ? 109 A   A N1    1 
ATOM   188 C  C2    . A   A 1 9  ? -4.287  -1.003  -6.212  1.00 8.77  ? 109 A   A C2    1 
ATOM   189 N  N3    . A   A 1 9  ? -5.579  -1.382  -6.287  1.00 9.66  ? 109 A   A N3    1 
ATOM   190 C  C4    . A   A 1 9  ? -5.806  -2.323  -5.364  1.00 8.96  ? 109 A   A C4    1 
ATOM   191 P  P     . G   A 1 10 ? -8.255  -6.728  -8.467  1.00 10.36 ? 110 G   A P     1 
ATOM   192 O  OP1   . G   A 1 10 ? -9.091  -7.430  -9.473  1.00 11.52 ? 110 G   A OP1   1 
ATOM   193 O  OP2   . G   A 1 10 ? -7.516  -7.425  -7.397  1.00 12.32 ? 110 G   A OP2   1 
ATOM   194 O  "O5'" . G   A 1 10 ? -7.151  -5.808  -9.163  1.00 10.10 ? 110 G   A "O5'" 1 
ATOM   195 C  "C5'" . G   A 1 10 ? -7.578  -4.915  -10.216 1.00 9.82  ? 110 G   A "C5'" 1 
ATOM   196 C  "C4'" . G   A 1 10 ? -6.375  -4.075  -10.583 1.00 8.41  ? 110 G   A "C4'" 1 
ATOM   197 O  "O4'" . G   A 1 10 ? -5.874  -3.344  -9.445  1.00 9.89  ? 110 G   A "O4'" 1 
ATOM   198 C  "C3'" . G   A 1 10 ? -5.146  -4.848  -11.064 1.00 9.25  ? 110 G   A "C3'" 1 
ATOM   199 O  "O3'" . G   A 1 10 ? -5.331  -5.230  -12.398 1.00 9.19  ? 110 G   A "O3'" 1 
ATOM   200 C  "C2'" . G   A 1 10 ? -4.031  -3.846  -10.881 1.00 9.02  ? 110 G   A "C2'" 1 
ATOM   201 O  "O2'" . G   A 1 10 ? -4.093  -2.841  -11.889 1.00 11.26 ? 110 G   A "O2'" 1 
ATOM   202 C  "C1'" . G   A 1 10 ? -4.437  -3.242  -9.539  1.00 9.07  ? 110 G   A "C1'" 1 
ATOM   203 N  N9    . G   A 1 10 ? -3.868  -3.914  -8.379  1.00 7.91  ? 110 G   A N9    1 
ATOM   204 C  C8    . G   A 1 10 ? -4.500  -4.788  -7.530  1.00 9.40  ? 110 G   A C8    1 
ATOM   205 N  N7    . G   A 1 10 ? -3.729  -5.226  -6.577  1.00 8.97  ? 110 G   A N7    1 
ATOM   206 C  C5    . G   A 1 10 ? -2.508  -4.599  -6.818  1.00 7.96  ? 110 G   A C5    1 
ATOM   207 C  C6    . G   A 1 10 ? -1.275  -4.672  -6.129  1.00 7.29  ? 110 G   A C6    1 
ATOM   208 O  O6    . G   A 1 10 ? -0.975  -5.318  -5.128  1.00 8.67  ? 110 G   A O6    1 
ATOM   209 N  N1    . G   A 1 10 ? -0.288  -3.871  -6.706  1.00 7.73  ? 110 G   A N1    1 
ATOM   210 C  C2    . G   A 1 10 ? -0.487  -3.101  -7.821  1.00 8.54  ? 110 G   A C2    1 
ATOM   211 N  N2    . G   A 1 10 ? 0.597   -2.386  -8.244  1.00 9.84  ? 110 G   A N2    1 
ATOM   212 N  N3    . G   A 1 10 ? -1.617  -3.016  -8.479  1.00 8.04  ? 110 G   A N3    1 
ATOM   213 C  C4    . G   A 1 10 ? -2.579  -3.779  -7.935  1.00 8.36  ? 110 G   A C4    1 
ATOM   214 P  P     . C   A 1 11 ? -4.723  -6.592  -12.967 1.00 11.34 ? 111 C   A P     1 
ATOM   215 O  OP1   . C   A 1 11 ? -5.224  -6.696  -14.350 1.00 13.95 ? 111 C   A OP1   1 
ATOM   216 O  OP2   . C   A 1 11 ? -5.020  -7.641  -11.988 1.00 13.27 ? 111 C   A OP2   1 
ATOM   217 O  "O5'" . C   A 1 11 ? -3.156  -6.382  -12.951 1.00 12.13 ? 111 C   A "O5'" 1 
ATOM   218 C  "C5'" . C   A 1 11 ? -2.550  -5.416  -13.826 1.00 12.70 ? 111 C   A "C5'" 1 
ATOM   219 C  "C4'" . C   A 1 11 ? -1.137  -5.157  -13.375 1.00 12.23 ? 111 C   A "C4'" 1 
ATOM   220 O  "O4'" . C   A 1 11 ? -1.113  -4.632  -12.025 1.00 10.04 ? 111 C   A "O4'" 1 
ATOM   221 C  "C3'" . C   A 1 11 ? -0.226  -6.374  -13.273 1.00 10.55 ? 111 C   A "C3'" 1 
ATOM   222 O  "O3'" . C   A 1 11 ? 0.207   -6.761  -14.570 1.00 10.67 ? 111 C   A "O3'" 1 
ATOM   223 C  "C2'" . C   A 1 11 ? 0.883   -5.872  -12.387 1.00 9.07  ? 111 C   A "C2'" 1 
ATOM   224 O  "O2'" . C   A 1 11 ? 1.744   -4.991  -13.089 1.00 11.70 ? 111 C   A "O2'" 1 
ATOM   225 C  "C1'" . C   A 1 11 ? 0.058   -5.094  -11.358 1.00 9.98  ? 111 C   A "C1'" 1 
ATOM   226 N  N1    . C   A 1 11 ? -0.334  -5.913  -10.195 1.00 8.08  ? 111 C   A N1    1 
ATOM   227 C  C2    . C   A 1 11 ? 0.652   -6.057  -9.217  1.00 9.31  ? 111 C   A C2    1 
ATOM   228 O  O2    . C   A 1 11 ? 1.728   -5.478  -9.438  1.00 10.28 ? 111 C   A O2    1 
ATOM   229 N  N3    . C   A 1 11 ? 0.378   -6.785  -8.131  1.00 8.40  ? 111 C   A N3    1 
ATOM   230 C  C4    . C   A 1 11 ? -0.811  -7.374  -7.990  1.00 8.42  ? 111 C   A C4    1 
ATOM   231 N  N4    . C   A 1 11 ? -1.062  -8.096  -6.900  1.00 9.42  ? 111 C   A N4    1 
ATOM   232 C  C5    . C   A 1 11 ? -1.827  -7.241  -8.988  1.00 9.19  ? 111 C   A C5    1 
ATOM   233 C  C6    . C   A 1 11 ? -1.528  -6.506  -10.060 1.00 7.41  ? 111 C   A C6    1 
ATOM   234 P  P     . G   A 1 12 ? 0.497   -8.311  -14.833 1.00 12.03 ? 112 G   A P     1 
ATOM   235 O  OP1   . G   A 1 12 ? 0.833   -8.452  -16.283 1.00 14.77 ? 112 G   A OP1   1 
ATOM   236 O  OP2   . G   A 1 12 ? -0.545  -9.217  -14.313 1.00 15.66 ? 112 G   A OP2   1 
ATOM   237 O  "O5'" . G   A 1 12 ? 1.779   -8.664  -13.939 1.00 10.63 ? 112 G   A "O5'" 1 
ATOM   238 C  "C5'" . G   A 1 12 ? 3.053   -8.077  -14.265 1.00 11.57 ? 112 G   A "C5'" 1 
ATOM   239 C  "C4'" . G   A 1 12 ? 4.045   -8.371  -13.175 1.00 8.18  ? 112 G   A "C4'" 1 
ATOM   240 O  "O4'" . G   A 1 12 ? 3.583   -7.880  -11.895 1.00 9.24  ? 112 G   A "O4'" 1 
ATOM   241 C  "C3'" . G   A 1 12 ? 4.304   -9.847  -12.887 1.00 10.40 ? 112 G   A "C3'" 1 
ATOM   242 O  "O3'" . G   A 1 12 ? 5.159   -10.378 -13.891 1.00 10.08 ? 112 G   A "O3'" 1 
ATOM   243 C  "C2'" . G   A 1 12 ? 4.912   -9.805  -11.514 1.00 7.92  ? 112 G   A "C2'" 1 
ATOM   244 O  "O2'" . G   A 1 12 ? 6.268   -9.304  -11.541 1.00 12.55 ? 112 G   A "O2'" 1 
ATOM   245 C  "C1'" . G   A 1 12 ? 4.105   -8.697  -10.852 1.00 8.02  ? 112 G   A "C1'" 1 
ATOM   246 N  N9    . G   A 1 12 ? 2.980   -9.184  -10.058 1.00 8.54  ? 112 G   A N9    1 
ATOM   247 C  C8    . G   A 1 12 ? 1.651   -9.259  -10.384 1.00 8.28  ? 112 G   A C8    1 
ATOM   248 N  N7    . G   A 1 12 ? 0.959   -9.761  -9.394  1.00 8.11  ? 112 G   A N7    1 
ATOM   249 C  C5    . G   A 1 12 ? 1.858   -10.028 -8.374  1.00 7.15  ? 112 G   A C5    1 
ATOM   250 C  C6    . G   A 1 12 ? 1.697   -10.569 -7.068  1.00 6.85  ? 112 G   A C6    1 
ATOM   251 O  O6    . G   A 1 12 ? 0.663   -10.955 -6.499  1.00 7.91  ? 112 G   A O6    1 
ATOM   252 N  N1    . G   A 1 12 ? 2.907   -10.648 -6.405  1.00 6.79  ? 112 G   A N1    1 
ATOM   253 C  C2    . G   A 1 12 ? 4.131   -10.268 -6.890  1.00 8.17  ? 112 G   A C2    1 
ATOM   254 N  N2    . G   A 1 12 ? 5.170   -10.438 -6.061  1.00 8.02  ? 112 G   A N2    1 
ATOM   255 N  N3    . G   A 1 12 ? 4.305   -9.761  -8.102  1.00 7.64  ? 112 G   A N3    1 
ATOM   256 C  C4    . G   A 1 12 ? 3.131   -9.676  -8.765  1.00 7.82  ? 112 G   A C4    1 
HETATM 257 SR SR    . SR  B 2 .  ? -0.327  -4.343  0.618   0.25 6.08  ? 401 SR  A SR    1 
HETATM 258 SR SR    . SR  C 2 .  ? 0.313   -4.558  1.324   0.25 9.89  ? 402 SR  A SR    1 
HETATM 259 O  O     . HOH D 3 .  ? -1.049  0.241   10.826  1.00 16.89 ? 501 HOH A O     1 
HETATM 260 O  O     . HOH D 3 .  ? -5.623  -5.674  10.033  1.00 13.69 ? 502 HOH A O     1 
HETATM 261 O  O     . HOH D 3 .  ? -6.728  -8.095  9.294   1.00 20.22 ? 503 HOH A O     1 
HETATM 262 O  O     . HOH D 3 .  ? -0.753  -4.333  4.212   1.00 14.03 ? 504 HOH A O     1 
HETATM 263 O  O     . HOH D 3 .  ? -4.009  -5.835  2.584   1.00 16.95 ? 505 HOH A O     1 
HETATM 264 O  O     . HOH D 3 .  ? -4.291  -5.694  -2.041  1.00 16.29 ? 506 HOH A O     1 
HETATM 265 O  O     . HOH D 3 .  ? -6.149  -7.017  -0.323  1.00 19.97 ? 507 HOH A O     1 
HETATM 266 O  O     . HOH D 3 .  ? -1.645  -10.692 -9.958  1.00 16.19 ? 508 HOH A O     1 
HETATM 267 O  O     . HOH D 3 .  ? -10.996 -9.476  -9.158  1.00 23.48 ? 509 HOH A O     1 
HETATM 268 O  O     . HOH D 3 .  ? -11.980 -8.814  -6.601  1.00 18.07 ? 510 HOH A O     1 
HETATM 269 O  O     . HOH D 3 .  ? -5.859  -2.375  -13.964 1.00 18.59 ? 511 HOH A O     1 
HETATM 270 O  O     . HOH D 3 .  ? -3.997  0.364   -9.432  1.00 15.77 ? 512 HOH A O     1 
HETATM 271 O  O     . HOH D 3 .  ? -11.178 -4.601  5.047   1.00 11.61 ? 513 HOH A O     1 
HETATM 272 O  O     . HOH D 3 .  ? -10.352 -0.582  3.285   1.00 18.10 ? 514 HOH A O     1 
HETATM 273 O  O     . HOH D 3 .  ? 0.001   -1.895  1.723   1.00 15.34 ? 515 HOH A O     1 
HETATM 274 O  O     . HOH D 3 .  ? 0.832   -2.699  -1.252  1.00 17.83 ? 516 HOH A O     1 
HETATM 275 O  O     . HOH D 3 .  ? 5.485   -2.308  12.235  1.00 32.27 ? 517 HOH A O     1 
HETATM 276 O  O     . HOH D 3 .  ? -2.166  -0.937  -11.244 1.00 21.71 ? 518 HOH A O     1 
HETATM 277 O  O     . HOH D 3 .  ? 4.113   -4.711  -12.075 0.50 12.86 ? 519 HOH A O     1 
HETATM 278 O  O     . HOH D 3 .  ? 1.824   1.204   -0.765  1.00 28.10 ? 520 HOH A O     1 
HETATM 279 O  O     . HOH D 3 .  ? 3.486   -11.759 -15.510 1.00 14.86 ? 521 HOH A O     1 
HETATM 280 O  O     . HOH D 3 .  ? 5.239   11.156  -5.430  1.00 33.79 ? 522 HOH A O     1 
HETATM 281 O  O     . HOH D 3 .  ? -7.735  -8.533  -11.660 1.00 20.60 ? 523 HOH A O     1 
HETATM 282 O  O     . HOH D 3 .  ? -6.719  -4.477  -15.576 1.00 28.65 ? 524 HOH A O     1 
HETATM 283 O  O     . HOH D 3 .  ? -4.005  -9.528  -10.467 1.00 22.88 ? 525 HOH A O     1 
HETATM 284 O  O     . HOH D 3 .  ? 9.500   10.078  9.537   1.00 15.59 ? 526 HOH A O     1 
HETATM 285 O  O     . HOH D 3 .  ? -3.739  -9.279  -6.194  1.00 25.78 ? 527 HOH A O     1 
HETATM 286 O  O     . HOH D 3 .  ? 3.559   -4.066  -11.077 0.50 11.78 ? 528 HOH A O     1 
HETATM 287 O  O     . HOH D 3 .  ? 1.284   -1.471  4.391   1.00 18.07 ? 529 HOH A O     1 
HETATM 288 O  O     . HOH D 3 .  ? 10.735  5.795   1.016   1.00 22.71 ? 530 HOH A O     1 
HETATM 289 O  O     . HOH D 3 .  ? 5.139   6.720   1.451   1.00 21.15 ? 531 HOH A O     1 
HETATM 290 O  O     . HOH D 3 .  ? 3.999   5.654   3.849   1.00 15.77 ? 532 HOH A O     1 
HETATM 291 O  O     . HOH D 3 .  ? 5.475   1.904   3.472   1.00 20.15 ? 533 HOH A O     1 
HETATM 292 O  O     . HOH D 3 .  ? 4.227   9.965   2.080   1.00 18.08 ? 534 HOH A O     1 
HETATM 293 O  O     . HOH D 3 .  ? 9.425   11.596  7.396   1.00 20.43 ? 535 HOH A O     1 
HETATM 294 O  O     . HOH D 3 .  ? 7.578   5.396   10.329  1.00 27.63 ? 536 HOH A O     1 
HETATM 295 O  O     . HOH D 3 .  ? 10.788  7.614   9.638   1.00 17.01 ? 537 HOH A O     1 
HETATM 296 O  O     . HOH D 3 .  ? 7.853   16.957  4.054   1.00 13.74 ? 538 HOH A O     1 
HETATM 297 O  O     . HOH D 3 .  ? 1.558   12.676  3.986   1.00 22.61 ? 539 HOH A O     1 
HETATM 298 O  O     . HOH D 3 .  ? -3.370  -9.960  -15.214 1.00 35.30 ? 540 HOH A O     1 
HETATM 299 O  O     . HOH D 3 .  ? 1.851   10.007  3.683   1.00 15.76 ? 541 HOH A O     1 
HETATM 300 O  O     . HOH D 3 .  ? 5.919   -5.296  9.604   1.00 38.06 ? 542 HOH A O     1 
HETATM 301 O  O     . HOH D 3 .  ? 5.842   0.343   11.845  1.00 16.89 ? 543 HOH A O     1 
HETATM 302 O  O     . HOH D 3 .  ? 3.530   1.442   12.746  1.00 18.21 ? 544 HOH A O     1 
HETATM 303 O  O     . HOH D 3 .  ? 4.960   5.481   13.649  1.00 22.52 ? 545 HOH A O     1 
HETATM 304 O  O     . HOH D 3 .  ? -9.072  1.163   1.362   1.00 36.80 ? 546 HOH A O     1 
HETATM 305 O  O     . HOH D 3 .  ? 0.701   0.815   12.949  1.00 21.39 ? 547 HOH A O     1 
HETATM 306 O  O     . HOH D 3 .  ? 1.975   -3.879  11.866  1.00 26.04 ? 548 HOH A O     1 
HETATM 307 O  O     . HOH D 3 .  ? 2.610   -0.997  0.586   1.00 13.16 ? 549 HOH A O     1 
HETATM 308 O  O     . HOH D 3 .  ? 3.436   -0.810  3.118   1.00 20.37 ? 550 HOH A O     1 
HETATM 309 O  O     . HOH D 3 .  ? 2.579   2.670   0.860   0.33 3.96  ? 551 HOH A O     1 
HETATM 310 O  O     . HOH D 3 .  ? 9.422   -10.669 -5.067  1.00 26.78 ? 552 HOH A O     1 
HETATM 311 O  O     . HOH D 3 .  ? 6.161   10.419  -2.120  1.00 36.03 ? 553 HOH A O     1 
HETATM 312 O  O     . HOH D 3 .  ? 0.879   0.995   2.838   1.00 23.56 ? 554 HOH A O     1 
HETATM 313 O  O     . HOH D 3 .  ? -1.941  -11.604 -6.767  1.00 17.90 ? 555 HOH A O     1 
HETATM 314 O  O     . HOH D 3 .  ? -7.679  -0.647  -8.277  1.00 25.31 ? 556 HOH A O     1 
HETATM 315 O  O     . HOH D 3 .  ? -6.918  -0.894  11.069  1.00 21.60 ? 557 HOH A O     1 
HETATM 316 O  O     . HOH D 3 .  ? 1.207   -5.794  -17.464 0.50 13.41 ? 558 HOH A O     1 
HETATM 317 O  O     . HOH D 3 .  ? -9.920  3.270   0.348   1.00 20.26 ? 559 HOH A O     1 
HETATM 318 O  O     . HOH D 3 .  ? 7.390   0.802   13.713  1.00 23.77 ? 560 HOH A O     1 
HETATM 319 O  O     . HOH D 3 .  ? -5.801  -6.889  -5.322  1.00 25.14 ? 561 HOH A O     1 
HETATM 320 O  O     . HOH D 3 .  ? -0.905  -7.957  4.653   1.00 24.54 ? 562 HOH A O     1 
HETATM 321 O  O     . HOH D 3 .  ? -1.966  -5.475  -2.160  1.00 29.89 ? 563 HOH A O     1 
HETATM 322 O  O     . HOH D 3 .  ? -3.985  -6.319  11.915  1.00 33.21 ? 564 HOH A O     1 
HETATM 323 O  O     . HOH D 3 .  ? 10.503  14.584  0.270   0.50 21.40 ? 565 HOH A O     1 
HETATM 324 O  O     . HOH D 3 .  ? -3.888  -7.667  -16.599 0.50 20.05 ? 566 HOH A O     1 
HETATM 325 O  O     . HOH D 3 .  ? -0.442  11.023  3.515   1.00 9.74  ? 567 HOH A O     1 
HETATM 326 O  O     . HOH D 3 .  ? 0.304   12.235  6.270   1.00 25.51 ? 568 HOH A O     1 
HETATM 327 O  O     . HOH D 3 .  ? 5.903   3.858   11.980  0.50 17.98 ? 569 HOH A O     1 
HETATM 328 O  O     . HOH D 3 .  ? -4.065  -8.988  -3.457  1.00 19.16 ? 570 HOH A O     1 
HETATM 329 O  O     . HOH D 3 .  ? -5.390  -9.174  -7.841  1.00 18.43 ? 571 HOH A O     1 
HETATM 330 O  O     . HOH D 3 .  ? 7.699   -10.480 -7.258  1.00 32.28 ? 572 HOH A O     1 
HETATM 331 O  O     . HOH D 3 .  ? -10.901 -9.457  -3.971  1.00 34.80 ? 573 HOH A O     1 
HETATM 332 O  O     . HOH D 3 .  ? -7.925  -1.257  -12.411 0.50 14.00 ? 574 HOH A O     1 
HETATM 333 O  O     . HOH D 3 .  ? 11.758  11.207  2.697   1.00 29.06 ? 575 HOH A O     1 
HETATM 334 O  O     . HOH D 3 .  ? -3.660  -7.010  -4.491  1.00 19.19 ? 576 HOH A O     1 
HETATM 335 O  O     . HOH D 3 .  ? 4.444   8.133   -1.252  0.50 15.77 ? 577 HOH A O     1 
HETATM 336 O  O     . HOH D 3 .  ? 9.305   13.740  9.283   1.00 26.58 ? 578 HOH A O     1 
HETATM 337 O  O     . HOH D 3 .  ? -8.958  -4.429  -16.305 0.50 45.66 ? 579 HOH A O     1 
HETATM 338 O  O     . HOH D 3 .  ? 2.875   -3.487  1.631   1.00 34.29 ? 580 HOH A O     1 
HETATM 339 O  O     . HOH D 3 .  ? -6.396  -0.799  8.351   1.00 20.38 ? 581 HOH A O     1 
HETATM 340 O  O     . HOH D 3 .  ? -3.673  0.579   11.129  1.00 25.25 ? 582 HOH A O     1 
HETATM 341 O  O     . HOH D 3 .  ? -6.443  -7.902  -3.366  1.00 60.25 ? 583 HOH A O     1 
HETATM 342 O  O     . HOH D 3 .  ? 5.453   13.722  -3.647  1.00 38.09 ? 584 HOH A O     1 
HETATM 343 O  O     . HOH D 3 .  ? 0.505   -6.544  2.842   1.00 64.18 ? 585 HOH A O     1 
HETATM 344 O  O     . HOH D 3 .  ? -8.133  1.639   3.401   0.50 67.42 ? 586 HOH A O     1 
HETATM 345 O  O     . HOH D 3 .  ? -12.218 -3.270  -3.126  0.50 19.52 ? 587 HOH A O     1 
HETATM 346 O  O     . HOH D 3 .  ? 0.447   -7.738  -20.363 1.00 63.13 ? 588 HOH A O     1 
HETATM 347 O  O     . HOH D 3 .  ? 13.089  16.422  0.067   1.00 43.66 ? 589 HOH A O     1 
HETATM 348 O  O     . HOH D 3 .  ? 9.622   9.657   -0.996  1.00 49.77 ? 590 HOH A O     1 
HETATM 349 O  O     . HOH D 3 .  ? -10.811 -4.516  -15.947 0.25 30.43 ? 591 HOH A O     1 
HETATM 350 O  O     . HOH D 3 .  ? -3.800  -1.598  11.992  1.00 31.68 ? 592 HOH A O     1 
HETATM 351 O  O     . HOH D 3 .  ? 0.485   -8.086  7.254   1.00 47.45 ? 593 HOH A O     1 
HETATM 352 O  O     . HOH D 3 .  ? -6.628  0.812   -6.860  1.00 70.13 ? 594 HOH A O     1 
HETATM 353 O  O     . HOH D 3 .  ? -6.824  -8.789  6.690   1.00 41.06 ? 595 HOH A O     1 
HETATM 354 O  O     . HOH D 3 .  ? -4.178  -13.146 -3.705  0.50 56.63 ? 596 HOH A O     1 
HETATM 355 O  O     . HOH D 3 .  ? 4.610   -14.013 -16.555 1.00 39.87 ? 597 HOH A O     1 
HETATM 356 O  O     . HOH D 3 .  ? 10.216  12.222  -1.250  1.00 39.45 ? 598 HOH A O     1 
HETATM 357 O  O     . HOH D 3 .  ? 7.899   -10.841 -9.517  1.00 36.21 ? 599 HOH A O     1 
HETATM 358 O  O     . HOH D 3 .  ? 1.846   -4.381  -15.926 0.50 30.68 ? 600 HOH A O     1 
# 
loop_
_pdbx_poly_seq_scheme.asym_id 
_pdbx_poly_seq_scheme.entity_id 
_pdbx_poly_seq_scheme.seq_id 
_pdbx_poly_seq_scheme.mon_id 
_pdbx_poly_seq_scheme.ndb_seq_num 
_pdbx_poly_seq_scheme.pdb_seq_num 
_pdbx_poly_seq_scheme.auth_seq_num 
_pdbx_poly_seq_scheme.pdb_mon_id 
_pdbx_poly_seq_scheme.auth_mon_id 
_pdbx_poly_seq_scheme.pdb_strand_id 
_pdbx_poly_seq_scheme.pdb_ins_code 
_pdbx_poly_seq_scheme.hetero 
A 1 1  C   1  101 101 C   C   A . n 
A 1 2  G   2  102 102 G   G   A . n 
A 1 3  C   3  103 103 C   C   A . n 
A 1 4  2SG 4  104 104 2SG GUS A . n 
A 1 5  A   5  105 105 A   A   A . n 
A 1 6  A   6  106 106 A   A   A . n 
A 1 7  U   7  107 107 U   U   A . n 
A 1 8  U   8  108 108 U   U   A . n 
A 1 9  A   9  109 109 A   A   A . n 
A 1 10 G   10 110 110 G   G   A . n 
A 1 11 C   11 111 111 C   C   A . n 
A 1 12 G   12 112 112 G   G   A . n 
# 
loop_
_pdbx_nonpoly_scheme.asym_id 
_pdbx_nonpoly_scheme.entity_id 
_pdbx_nonpoly_scheme.mon_id 
_pdbx_nonpoly_scheme.ndb_seq_num 
_pdbx_nonpoly_scheme.pdb_seq_num 
_pdbx_nonpoly_scheme.auth_seq_num 
_pdbx_nonpoly_scheme.pdb_mon_id 
_pdbx_nonpoly_scheme.auth_mon_id 
_pdbx_nonpoly_scheme.pdb_strand_id 
_pdbx_nonpoly_scheme.pdb_ins_code 
B 2 SR  1   401 401 SR  SR  A . 
C 2 SR  1   402 402 SR  SR  A . 
D 3 HOH 1   501 201 HOH HOH A . 
D 3 HOH 2   502 202 HOH HOH A . 
D 3 HOH 3   503 203 HOH HOH A . 
D 3 HOH 4   504 204 HOH HOH A . 
D 3 HOH 5   505 205 HOH HOH A . 
D 3 HOH 6   506 206 HOH HOH A . 
D 3 HOH 7   507 207 HOH HOH A . 
D 3 HOH 8   508 208 HOH HOH A . 
D 3 HOH 9   509 209 HOH HOH A . 
D 3 HOH 10  510 210 HOH HOH A . 
D 3 HOH 11  511 211 HOH HOH A . 
D 3 HOH 12  512 212 HOH HOH A . 
D 3 HOH 13  513 213 HOH HOH A . 
D 3 HOH 14  514 214 HOH HOH A . 
D 3 HOH 15  515 215 HOH HOH A . 
D 3 HOH 16  516 216 HOH HOH A . 
D 3 HOH 17  517 217 HOH HOH A . 
D 3 HOH 18  518 218 HOH HOH A . 
D 3 HOH 19  519 219 HOH HOH A . 
D 3 HOH 20  520 220 HOH HOH A . 
D 3 HOH 21  521 221 HOH HOH A . 
D 3 HOH 22  522 222 HOH HOH A . 
D 3 HOH 23  523 223 HOH HOH A . 
D 3 HOH 24  524 224 HOH HOH A . 
D 3 HOH 25  525 225 HOH HOH A . 
D 3 HOH 26  526 226 HOH HOH A . 
D 3 HOH 27  527 227 HOH HOH A . 
D 3 HOH 28  528 228 HOH HOH A . 
D 3 HOH 29  529 229 HOH HOH A . 
D 3 HOH 30  530 230 HOH HOH A . 
D 3 HOH 31  531 231 HOH HOH A . 
D 3 HOH 32  532 232 HOH HOH A . 
D 3 HOH 33  533 233 HOH HOH A . 
D 3 HOH 34  534 234 HOH HOH A . 
D 3 HOH 35  535 235 HOH HOH A . 
D 3 HOH 36  536 236 HOH HOH A . 
D 3 HOH 37  537 237 HOH HOH A . 
D 3 HOH 38  538 238 HOH HOH A . 
D 3 HOH 39  539 239 HOH HOH A . 
D 3 HOH 40  540 240 HOH HOH A . 
D 3 HOH 41  541 241 HOH HOH A . 
D 3 HOH 42  542 242 HOH HOH A . 
D 3 HOH 43  543 243 HOH HOH A . 
D 3 HOH 44  544 244 HOH HOH A . 
D 3 HOH 45  545 245 HOH HOH A . 
D 3 HOH 46  546 246 HOH HOH A . 
D 3 HOH 47  547 247 HOH HOH A . 
D 3 HOH 48  548 248 HOH HOH A . 
D 3 HOH 49  549 249 HOH HOH A . 
D 3 HOH 50  550 250 HOH HOH A . 
D 3 HOH 51  551 251 HOH HOH A . 
D 3 HOH 52  552 252 HOH HOH A . 
D 3 HOH 53  553 253 HOH HOH A . 
D 3 HOH 54  554 254 HOH HOH A . 
D 3 HOH 55  555 255 HOH HOH A . 
D 3 HOH 56  556 256 HOH HOH A . 
D 3 HOH 57  557 257 HOH HOH A . 
D 3 HOH 58  558 258 HOH HOH A . 
D 3 HOH 59  559 259 HOH HOH A . 
D 3 HOH 60  560 260 HOH HOH A . 
D 3 HOH 61  561 261 HOH HOH A . 
D 3 HOH 62  562 262 HOH HOH A . 
D 3 HOH 63  563 263 HOH HOH A . 
D 3 HOH 64  564 264 HOH HOH A . 
D 3 HOH 65  565 265 HOH HOH A . 
D 3 HOH 66  566 266 HOH HOH A . 
D 3 HOH 67  567 267 HOH HOH A . 
D 3 HOH 68  568 268 HOH HOH A . 
D 3 HOH 69  569 269 HOH HOH A . 
D 3 HOH 70  570 270 HOH HOH A . 
D 3 HOH 71  571 271 HOH HOH A . 
D 3 HOH 72  572 272 HOH HOH A . 
D 3 HOH 73  573 273 HOH HOH A . 
D 3 HOH 74  574 274 HOH HOH A . 
D 3 HOH 75  575 275 HOH HOH A . 
D 3 HOH 76  576 276 HOH HOH A . 
D 3 HOH 77  577 277 HOH HOH A . 
D 3 HOH 78  578 278 HOH HOH A . 
D 3 HOH 79  579 279 HOH HOH A . 
D 3 HOH 80  580 280 HOH HOH A . 
D 3 HOH 81  581 281 HOH HOH A . 
D 3 HOH 82  582 282 HOH HOH A . 
D 3 HOH 83  583 283 HOH HOH A . 
D 3 HOH 84  584 284 HOH HOH A . 
D 3 HOH 85  585 285 HOH HOH A . 
D 3 HOH 86  586 286 HOH HOH A . 
D 3 HOH 87  587 287 HOH HOH A . 
D 3 HOH 88  588 288 HOH HOH A . 
D 3 HOH 89  589 289 HOH HOH A . 
D 3 HOH 90  590 290 HOH HOH A . 
D 3 HOH 91  591 291 HOH HOH A . 
D 3 HOH 92  592 292 HOH HOH A . 
D 3 HOH 93  593 293 HOH HOH A . 
D 3 HOH 94  594 294 HOH HOH A . 
D 3 HOH 95  595 295 HOH HOH A . 
D 3 HOH 96  596 296 HOH HOH A . 
D 3 HOH 97  597 297 HOH HOH A . 
D 3 HOH 98  598 298 HOH HOH A . 
D 3 HOH 99  599 299 HOH HOH A . 
D 3 HOH 100 600 300 HOH HOH A . 
# 
_pdbx_struct_mod_residue.id               1 
_pdbx_struct_mod_residue.label_asym_id    A 
_pdbx_struct_mod_residue.label_comp_id    2SG 
_pdbx_struct_mod_residue.label_seq_id     4 
_pdbx_struct_mod_residue.auth_asym_id     A 
_pdbx_struct_mod_residue.auth_comp_id     2SG 
_pdbx_struct_mod_residue.auth_seq_id      104 
_pdbx_struct_mod_residue.PDB_ins_code     ? 
_pdbx_struct_mod_residue.parent_comp_id   G 
_pdbx_struct_mod_residue.details          'GUANOSINE PHOSPHORODITHIOATE' 
# 
_pdbx_struct_assembly.id                   1 
_pdbx_struct_assembly.details              author_and_software_defined_assembly 
_pdbx_struct_assembly.method_details       PISA 
_pdbx_struct_assembly.oligomeric_details   dimeric 
_pdbx_struct_assembly.oligomeric_count     2 
# 
_pdbx_struct_assembly_gen.assembly_id       1 
_pdbx_struct_assembly_gen.oper_expression   1,2 
_pdbx_struct_assembly_gen.asym_id_list      A,B,C,D 
# 
loop_
_pdbx_struct_assembly_prop.biol_id 
_pdbx_struct_assembly_prop.type 
_pdbx_struct_assembly_prop.value 
_pdbx_struct_assembly_prop.details 
1 'ABSA (A^2)' 2490 ? 
1 MORE         -173 ? 
1 'SSA (A^2)'  3990 ? 
# 
loop_
_pdbx_struct_oper_list.id 
_pdbx_struct_oper_list.type 
_pdbx_struct_oper_list.name 
_pdbx_struct_oper_list.symmetry_operation 
_pdbx_struct_oper_list.matrix[1][1] 
_pdbx_struct_oper_list.matrix[1][2] 
_pdbx_struct_oper_list.matrix[1][3] 
_pdbx_struct_oper_list.vector[1] 
_pdbx_struct_oper_list.matrix[2][1] 
_pdbx_struct_oper_list.matrix[2][2] 
_pdbx_struct_oper_list.matrix[2][3] 
_pdbx_struct_oper_list.vector[2] 
_pdbx_struct_oper_list.matrix[3][1] 
_pdbx_struct_oper_list.matrix[3][2] 
_pdbx_struct_oper_list.matrix[3][3] 
_pdbx_struct_oper_list.vector[3] 
1 'identity operation'         1_555 x,y,z     1.0000000000 0.0000000000 0.0000000000  0.0000000000 0.0000000000 1.0000000000  0.0000000000  0.0000000000 0.0000000000  0.0000000000  1.0000000000  0.0000000000 
2 'crystal symmetry operation' 2_556 -x,y,-z+1 0.9240110595 0.0901061940 -0.3715971417 0.4982684855 0.0901061940 -0.9957801042 -0.0174028127 4.0640102713 -0.3715971417 -0.0174028127 -0.9282309553 3.5653303702 
# 
loop_
_pdbx_struct_special_symmetry.id 
_pdbx_struct_special_symmetry.PDB_model_num 
_pdbx_struct_special_symmetry.auth_asym_id 
_pdbx_struct_special_symmetry.auth_comp_id 
_pdbx_struct_special_symmetry.auth_seq_id 
_pdbx_struct_special_symmetry.PDB_ins_code 
_pdbx_struct_special_symmetry.label_asym_id 
_pdbx_struct_special_symmetry.label_comp_id 
_pdbx_struct_special_symmetry.label_seq_id 
1 1 A HOH 579 ? D HOH . 
2 1 A HOH 586 ? D HOH . 
3 1 A HOH 591 ? D HOH . 
4 1 A HOH 596 ? D HOH . 
# 
loop_
_pdbx_struct_conn_angle.id 
_pdbx_struct_conn_angle.ptnr1_label_atom_id 
_pdbx_struct_conn_angle.ptnr1_label_alt_id 
_pdbx_struct_conn_angle.ptnr1_label_asym_id 
_pdbx_struct_conn_angle.ptnr1_label_comp_id 
_pdbx_struct_conn_angle.ptnr1_label_seq_id 
_pdbx_struct_conn_angle.ptnr1_auth_atom_id 
_pdbx_struct_conn_angle.ptnr1_auth_asym_id 
_pdbx_struct_conn_angle.ptnr1_auth_comp_id 
_pdbx_struct_conn_angle.ptnr1_auth_seq_id 
_pdbx_struct_conn_angle.ptnr1_PDB_ins_code 
_pdbx_struct_conn_angle.ptnr1_symmetry 
_pdbx_struct_conn_angle.ptnr2_label_atom_id 
_pdbx_struct_conn_angle.ptnr2_label_alt_id 
_pdbx_struct_conn_angle.ptnr2_label_asym_id 
_pdbx_struct_conn_angle.ptnr2_label_comp_id 
_pdbx_struct_conn_angle.ptnr2_label_seq_id 
_pdbx_struct_conn_angle.ptnr2_auth_atom_id 
_pdbx_struct_conn_angle.ptnr2_auth_asym_id 
_pdbx_struct_conn_angle.ptnr2_auth_comp_id 
_pdbx_struct_conn_angle.ptnr2_auth_seq_id 
_pdbx_struct_conn_angle.ptnr2_PDB_ins_code 
_pdbx_struct_conn_angle.ptnr2_symmetry 
_pdbx_struct_conn_angle.ptnr3_label_atom_id 
_pdbx_struct_conn_angle.ptnr3_label_alt_id 
_pdbx_struct_conn_angle.ptnr3_label_asym_id 
_pdbx_struct_conn_angle.ptnr3_label_comp_id 
_pdbx_struct_conn_angle.ptnr3_label_seq_id 
_pdbx_struct_conn_angle.ptnr3_auth_atom_id 
_pdbx_struct_conn_angle.ptnr3_auth_asym_id 
_pdbx_struct_conn_angle.ptnr3_auth_comp_id 
_pdbx_struct_conn_angle.ptnr3_auth_seq_id 
_pdbx_struct_conn_angle.ptnr3_PDB_ins_code 
_pdbx_struct_conn_angle.ptnr3_symmetry 
_pdbx_struct_conn_angle.value 
_pdbx_struct_conn_angle.value_esd 
1 O ? D HOH . ? A HOH 515 ? 1_555 SR ? B SR . ? A SR 401 ? 1_555 O ? D HOH . ? A HOH 516 ? 1_555 71.7  ? 
2 O ? D HOH . ? A HOH 515 ? 1_555 SR ? C SR . ? A SR 402 ? 1_555 O ? D HOH . ? A HOH 580 ? 1_555 73.3  ? 
3 O ? D HOH . ? A HOH 515 ? 1_555 SR ? C SR . ? A SR 402 ? 1_555 O ? D HOH . ? A HOH 585 ? 1_555 134.2 ? 
4 O ? D HOH . ? A HOH 580 ? 1_555 SR ? C SR . ? A SR 402 ? 1_555 O ? D HOH . ? A HOH 585 ? 1_555 99.6  ? 
# 
loop_
_pdbx_audit_revision_history.ordinal 
_pdbx_audit_revision_history.data_content_type 
_pdbx_audit_revision_history.major_revision 
_pdbx_audit_revision_history.minor_revision 
_pdbx_audit_revision_history.revision_date 
1 'Structure model' 1 0 2015-09-16 
2 'Structure model' 1 1 2017-07-12 
3 'Structure model' 1 2 2023-09-20 
# 
_pdbx_audit_revision_details.ordinal             1 
_pdbx_audit_revision_details.revision_ordinal    1 
_pdbx_audit_revision_details.data_content_type   'Structure model' 
_pdbx_audit_revision_details.provider            repository 
_pdbx_audit_revision_details.type                'Initial release' 
_pdbx_audit_revision_details.description         ? 
_pdbx_audit_revision_details.details             ? 
# 
loop_
_pdbx_audit_revision_group.ordinal 
_pdbx_audit_revision_group.revision_ordinal 
_pdbx_audit_revision_group.data_content_type 
_pdbx_audit_revision_group.group 
1 2 'Structure model' 'Refinement description' 
2 3 'Structure model' 'Data collection'        
3 3 'Structure model' 'Database references'    
4 3 'Structure model' 'Derived calculations'   
5 3 'Structure model' 'Refinement description' 
# 
loop_
_pdbx_audit_revision_category.ordinal 
_pdbx_audit_revision_category.revision_ordinal 
_pdbx_audit_revision_category.data_content_type 
_pdbx_audit_revision_category.category 
1 2 'Structure model' pdbx_refine                   
2 3 'Structure model' chem_comp_atom                
3 3 'Structure model' chem_comp_bond                
4 3 'Structure model' database_2                    
5 3 'Structure model' pdbx_initial_refinement_model 
6 3 'Structure model' pdbx_struct_conn_angle        
7 3 'Structure model' struct_conn                   
8 3 'Structure model' struct_site                   
# 
loop_
_pdbx_audit_revision_item.ordinal 
_pdbx_audit_revision_item.revision_ordinal 
_pdbx_audit_revision_item.data_content_type 
_pdbx_audit_revision_item.item 
1  3 'Structure model' '_database_2.pdbx_DOI'                        
2  3 'Structure model' '_database_2.pdbx_database_accession'         
3  3 'Structure model' '_pdbx_struct_conn_angle.ptnr1_auth_seq_id'   
4  3 'Structure model' '_pdbx_struct_conn_angle.ptnr2_auth_seq_id'   
5  3 'Structure model' '_pdbx_struct_conn_angle.ptnr2_label_asym_id' 
6  3 'Structure model' '_pdbx_struct_conn_angle.ptnr3_auth_seq_id'   
7  3 'Structure model' '_pdbx_struct_conn_angle.value'               
8  3 'Structure model' '_struct_conn.pdbx_dist_value'                
9  3 'Structure model' '_struct_conn.pdbx_leaving_atom_flag'         
10 3 'Structure model' '_struct_conn.ptnr1_auth_seq_id'              
11 3 'Structure model' '_struct_conn.ptnr1_label_asym_id'            
12 3 'Structure model' '_struct_conn.ptnr2_auth_seq_id'              
13 3 'Structure model' '_struct_site.pdbx_auth_asym_id'              
14 3 'Structure model' '_struct_site.pdbx_auth_comp_id'              
15 3 'Structure model' '_struct_site.pdbx_auth_seq_id'               
# 
loop_
_software.name 
_software.classification 
_software.version 
_software.citation_id 
_software.pdbx_ordinal 
MD2       'data collection' 'diffractometer software from EMBL (with LS-CAT developed extensions)' ? 1 
MOLREP    phasing           '(CCP4)'                                                               ? 2 
SHELXL-97 refinement        .                                                                      ? 3 
HKL-2000  'data reduction'  .                                                                      ? 4 
HKL-2000  'data scaling'    .                                                                      ? 5 
# 
loop_
_pdbx_validate_rmsd_angle.id 
_pdbx_validate_rmsd_angle.PDB_model_num 
_pdbx_validate_rmsd_angle.auth_atom_id_1 
_pdbx_validate_rmsd_angle.auth_asym_id_1 
_pdbx_validate_rmsd_angle.auth_comp_id_1 
_pdbx_validate_rmsd_angle.auth_seq_id_1 
_pdbx_validate_rmsd_angle.PDB_ins_code_1 
_pdbx_validate_rmsd_angle.label_alt_id_1 
_pdbx_validate_rmsd_angle.auth_atom_id_2 
_pdbx_validate_rmsd_angle.auth_asym_id_2 
_pdbx_validate_rmsd_angle.auth_comp_id_2 
_pdbx_validate_rmsd_angle.auth_seq_id_2 
_pdbx_validate_rmsd_angle.PDB_ins_code_2 
_pdbx_validate_rmsd_angle.label_alt_id_2 
_pdbx_validate_rmsd_angle.auth_atom_id_3 
_pdbx_validate_rmsd_angle.auth_asym_id_3 
_pdbx_validate_rmsd_angle.auth_comp_id_3 
_pdbx_validate_rmsd_angle.auth_seq_id_3 
_pdbx_validate_rmsd_angle.PDB_ins_code_3 
_pdbx_validate_rmsd_angle.label_alt_id_3 
_pdbx_validate_rmsd_angle.angle_value 
_pdbx_validate_rmsd_angle.angle_target_value 
_pdbx_validate_rmsd_angle.angle_deviation 
_pdbx_validate_rmsd_angle.angle_standard_deviation 
_pdbx_validate_rmsd_angle.linker_flag 
1 1 C2 A U 107 ? ? N3 A U 107 ? ? C4 A U 107 ? ? 123.27 127.00 -3.73 0.60 N 
2 1 N1 A A 109 ? ? C6 A A 109 ? ? N6 A A 109 ? ? 122.83 118.60 4.23  0.60 N 
# 
loop_
_chem_comp_atom.comp_id 
_chem_comp_atom.atom_id 
_chem_comp_atom.type_symbol 
_chem_comp_atom.pdbx_aromatic_flag 
_chem_comp_atom.pdbx_stereo_config 
_chem_comp_atom.pdbx_ordinal 
2SG P      P  N N 1   
2SG SP1    S  N N 2   
2SG SP2    S  N N 3   
2SG "O5'"  O  N N 4   
2SG "C5'"  C  N N 5   
2SG "C4'"  C  N R 6   
2SG "C3'"  C  N S 7   
2SG "O3'"  O  N N 8   
2SG "C2'"  C  N R 9   
2SG "O2'"  O  N N 10  
2SG "C1'"  C  N R 11  
2SG "O4'"  O  N N 12  
2SG N9     N  Y N 13  
2SG C4     C  Y N 14  
2SG C5     C  Y N 15  
2SG N7     N  Y N 16  
2SG C8     C  Y N 17  
2SG N3     N  N N 18  
2SG C2     C  N N 19  
2SG N2     N  N N 20  
2SG N1     N  N N 21  
2SG C6     C  N N 22  
2SG O6     O  N N 23  
2SG H1     H  N N 24  
2SG H2     H  N N 25  
2SG H3     H  N N 26  
2SG H4     H  N N 27  
2SG H5     H  N N 28  
2SG H6     H  N N 29  
2SG H7     H  N N 30  
2SG H8     H  N N 31  
2SG H9     H  N N 32  
2SG H10    H  N N 33  
2SG H11    H  N N 34  
2SG H13    H  N N 35  
2SG H14    H  N N 36  
2SG OP3    O  N N 37  
2SG H15    H  N N 38  
2SG H12    H  N N 39  
2SG H16    H  N N 40  
A   OP3    O  N N 41  
A   P      P  N N 42  
A   OP1    O  N N 43  
A   OP2    O  N N 44  
A   "O5'"  O  N N 45  
A   "C5'"  C  N N 46  
A   "C4'"  C  N R 47  
A   "O4'"  O  N N 48  
A   "C3'"  C  N S 49  
A   "O3'"  O  N N 50  
A   "C2'"  C  N R 51  
A   "O2'"  O  N N 52  
A   "C1'"  C  N R 53  
A   N9     N  Y N 54  
A   C8     C  Y N 55  
A   N7     N  Y N 56  
A   C5     C  Y N 57  
A   C6     C  Y N 58  
A   N6     N  N N 59  
A   N1     N  Y N 60  
A   C2     C  Y N 61  
A   N3     N  Y N 62  
A   C4     C  Y N 63  
A   HOP3   H  N N 64  
A   HOP2   H  N N 65  
A   "H5'"  H  N N 66  
A   "H5''" H  N N 67  
A   "H4'"  H  N N 68  
A   "H3'"  H  N N 69  
A   "HO3'" H  N N 70  
A   "H2'"  H  N N 71  
A   "HO2'" H  N N 72  
A   "H1'"  H  N N 73  
A   H8     H  N N 74  
A   H61    H  N N 75  
A   H62    H  N N 76  
A   H2     H  N N 77  
C   OP3    O  N N 78  
C   P      P  N N 79  
C   OP1    O  N N 80  
C   OP2    O  N N 81  
C   "O5'"  O  N N 82  
C   "C5'"  C  N N 83  
C   "C4'"  C  N R 84  
C   "O4'"  O  N N 85  
C   "C3'"  C  N S 86  
C   "O3'"  O  N N 87  
C   "C2'"  C  N R 88  
C   "O2'"  O  N N 89  
C   "C1'"  C  N R 90  
C   N1     N  N N 91  
C   C2     C  N N 92  
C   O2     O  N N 93  
C   N3     N  N N 94  
C   C4     C  N N 95  
C   N4     N  N N 96  
C   C5     C  N N 97  
C   C6     C  N N 98  
C   HOP3   H  N N 99  
C   HOP2   H  N N 100 
C   "H5'"  H  N N 101 
C   "H5''" H  N N 102 
C   "H4'"  H  N N 103 
C   "H3'"  H  N N 104 
C   "HO3'" H  N N 105 
C   "H2'"  H  N N 106 
C   "HO2'" H  N N 107 
C   "H1'"  H  N N 108 
C   H41    H  N N 109 
C   H42    H  N N 110 
C   H5     H  N N 111 
C   H6     H  N N 112 
G   OP3    O  N N 113 
G   P      P  N N 114 
G   OP1    O  N N 115 
G   OP2    O  N N 116 
G   "O5'"  O  N N 117 
G   "C5'"  C  N N 118 
G   "C4'"  C  N R 119 
G   "O4'"  O  N N 120 
G   "C3'"  C  N S 121 
G   "O3'"  O  N N 122 
G   "C2'"  C  N R 123 
G   "O2'"  O  N N 124 
G   "C1'"  C  N R 125 
G   N9     N  Y N 126 
G   C8     C  Y N 127 
G   N7     N  Y N 128 
G   C5     C  Y N 129 
G   C6     C  N N 130 
G   O6     O  N N 131 
G   N1     N  N N 132 
G   C2     C  N N 133 
G   N2     N  N N 134 
G   N3     N  N N 135 
G   C4     C  Y N 136 
G   HOP3   H  N N 137 
G   HOP2   H  N N 138 
G   "H5'"  H  N N 139 
G   "H5''" H  N N 140 
G   "H4'"  H  N N 141 
G   "H3'"  H  N N 142 
G   "HO3'" H  N N 143 
G   "H2'"  H  N N 144 
G   "HO2'" H  N N 145 
G   "H1'"  H  N N 146 
G   H8     H  N N 147 
G   H1     H  N N 148 
G   H21    H  N N 149 
G   H22    H  N N 150 
HOH O      O  N N 151 
HOH H1     H  N N 152 
HOH H2     H  N N 153 
SR  SR     SR N N 154 
U   OP3    O  N N 155 
U   P      P  N N 156 
U   OP1    O  N N 157 
U   OP2    O  N N 158 
U   "O5'"  O  N N 159 
U   "C5'"  C  N N 160 
U   "C4'"  C  N R 161 
U   "O4'"  O  N N 162 
U   "C3'"  C  N S 163 
U   "O3'"  O  N N 164 
U   "C2'"  C  N R 165 
U   "O2'"  O  N N 166 
U   "C1'"  C  N R 167 
U   N1     N  N N 168 
U   C2     C  N N 169 
U   O2     O  N N 170 
U   N3     N  N N 171 
U   C4     C  N N 172 
U   O4     O  N N 173 
U   C5     C  N N 174 
U   C6     C  N N 175 
U   HOP3   H  N N 176 
U   HOP2   H  N N 177 
U   "H5'"  H  N N 178 
U   "H5''" H  N N 179 
U   "H4'"  H  N N 180 
U   "H3'"  H  N N 181 
U   "HO3'" H  N N 182 
U   "H2'"  H  N N 183 
U   "HO2'" H  N N 184 
U   "H1'"  H  N N 185 
U   H3     H  N N 186 
U   H5     H  N N 187 
U   H6     H  N N 188 
# 
loop_
_chem_comp_bond.comp_id 
_chem_comp_bond.atom_id_1 
_chem_comp_bond.atom_id_2 
_chem_comp_bond.value_order 
_chem_comp_bond.pdbx_aromatic_flag 
_chem_comp_bond.pdbx_stereo_config 
_chem_comp_bond.pdbx_ordinal 
2SG "O3'" "C3'"  sing N N 1   
2SG "O2'" "C2'"  sing N N 2   
2SG "C2'" "C3'"  sing N N 3   
2SG "C2'" "C1'"  sing N N 4   
2SG "C3'" "C4'"  sing N N 5   
2SG "C4'" "C5'"  sing N N 6   
2SG "C4'" "O4'"  sing N N 7   
2SG "C5'" "O5'"  sing N N 8   
2SG "C1'" "O4'"  sing N N 9   
2SG "C1'" N9     sing N N 10  
2SG N2    C2     sing N N 11  
2SG N3    C2     doub N N 12  
2SG N3    C4     sing N N 13  
2SG "O5'" P      sing N N 14  
2SG N9    C4     sing Y N 15  
2SG N9    C8     sing Y N 16  
2SG C2    N1     sing N N 17  
2SG C4    C5     doub Y N 18  
2SG SP1   P      sing N N 19  
2SG C8    N7     doub Y N 20  
2SG P     SP2    sing N N 21  
2SG N1    C6     sing N N 22  
2SG C5    N7     sing Y N 23  
2SG C5    C6     sing N N 24  
2SG C6    O6     doub N N 25  
2SG SP1   H1     sing N N 26  
2SG SP2   H2     sing N N 27  
2SG "C5'" H3     sing N N 28  
2SG "C5'" H4     sing N N 29  
2SG "C4'" H5     sing N N 30  
2SG "C3'" H6     sing N N 31  
2SG "O3'" H7     sing N N 32  
2SG "C2'" H8     sing N N 33  
2SG "O2'" H9     sing N N 34  
2SG "C1'" H10    sing N N 35  
2SG C8    H11    sing N N 36  
2SG N2    H13    sing N N 37  
2SG N2    H14    sing N N 38  
2SG P     OP3    sing N N 39  
2SG P     H15    sing N N 40  
2SG N1    H12    sing N N 41  
2SG OP3   H16    sing N N 42  
A   OP3   P      sing N N 43  
A   OP3   HOP3   sing N N 44  
A   P     OP1    doub N N 45  
A   P     OP2    sing N N 46  
A   P     "O5'"  sing N N 47  
A   OP2   HOP2   sing N N 48  
A   "O5'" "C5'"  sing N N 49  
A   "C5'" "C4'"  sing N N 50  
A   "C5'" "H5'"  sing N N 51  
A   "C5'" "H5''" sing N N 52  
A   "C4'" "O4'"  sing N N 53  
A   "C4'" "C3'"  sing N N 54  
A   "C4'" "H4'"  sing N N 55  
A   "O4'" "C1'"  sing N N 56  
A   "C3'" "O3'"  sing N N 57  
A   "C3'" "C2'"  sing N N 58  
A   "C3'" "H3'"  sing N N 59  
A   "O3'" "HO3'" sing N N 60  
A   "C2'" "O2'"  sing N N 61  
A   "C2'" "C1'"  sing N N 62  
A   "C2'" "H2'"  sing N N 63  
A   "O2'" "HO2'" sing N N 64  
A   "C1'" N9     sing N N 65  
A   "C1'" "H1'"  sing N N 66  
A   N9    C8     sing Y N 67  
A   N9    C4     sing Y N 68  
A   C8    N7     doub Y N 69  
A   C8    H8     sing N N 70  
A   N7    C5     sing Y N 71  
A   C5    C6     sing Y N 72  
A   C5    C4     doub Y N 73  
A   C6    N6     sing N N 74  
A   C6    N1     doub Y N 75  
A   N6    H61    sing N N 76  
A   N6    H62    sing N N 77  
A   N1    C2     sing Y N 78  
A   C2    N3     doub Y N 79  
A   C2    H2     sing N N 80  
A   N3    C4     sing Y N 81  
C   OP3   P      sing N N 82  
C   OP3   HOP3   sing N N 83  
C   P     OP1    doub N N 84  
C   P     OP2    sing N N 85  
C   P     "O5'"  sing N N 86  
C   OP2   HOP2   sing N N 87  
C   "O5'" "C5'"  sing N N 88  
C   "C5'" "C4'"  sing N N 89  
C   "C5'" "H5'"  sing N N 90  
C   "C5'" "H5''" sing N N 91  
C   "C4'" "O4'"  sing N N 92  
C   "C4'" "C3'"  sing N N 93  
C   "C4'" "H4'"  sing N N 94  
C   "O4'" "C1'"  sing N N 95  
C   "C3'" "O3'"  sing N N 96  
C   "C3'" "C2'"  sing N N 97  
C   "C3'" "H3'"  sing N N 98  
C   "O3'" "HO3'" sing N N 99  
C   "C2'" "O2'"  sing N N 100 
C   "C2'" "C1'"  sing N N 101 
C   "C2'" "H2'"  sing N N 102 
C   "O2'" "HO2'" sing N N 103 
C   "C1'" N1     sing N N 104 
C   "C1'" "H1'"  sing N N 105 
C   N1    C2     sing N N 106 
C   N1    C6     sing N N 107 
C   C2    O2     doub N N 108 
C   C2    N3     sing N N 109 
C   N3    C4     doub N N 110 
C   C4    N4     sing N N 111 
C   C4    C5     sing N N 112 
C   N4    H41    sing N N 113 
C   N4    H42    sing N N 114 
C   C5    C6     doub N N 115 
C   C5    H5     sing N N 116 
C   C6    H6     sing N N 117 
G   OP3   P      sing N N 118 
G   OP3   HOP3   sing N N 119 
G   P     OP1    doub N N 120 
G   P     OP2    sing N N 121 
G   P     "O5'"  sing N N 122 
G   OP2   HOP2   sing N N 123 
G   "O5'" "C5'"  sing N N 124 
G   "C5'" "C4'"  sing N N 125 
G   "C5'" "H5'"  sing N N 126 
G   "C5'" "H5''" sing N N 127 
G   "C4'" "O4'"  sing N N 128 
G   "C4'" "C3'"  sing N N 129 
G   "C4'" "H4'"  sing N N 130 
G   "O4'" "C1'"  sing N N 131 
G   "C3'" "O3'"  sing N N 132 
G   "C3'" "C2'"  sing N N 133 
G   "C3'" "H3'"  sing N N 134 
G   "O3'" "HO3'" sing N N 135 
G   "C2'" "O2'"  sing N N 136 
G   "C2'" "C1'"  sing N N 137 
G   "C2'" "H2'"  sing N N 138 
G   "O2'" "HO2'" sing N N 139 
G   "C1'" N9     sing N N 140 
G   "C1'" "H1'"  sing N N 141 
G   N9    C8     sing Y N 142 
G   N9    C4     sing Y N 143 
G   C8    N7     doub Y N 144 
G   C8    H8     sing N N 145 
G   N7    C5     sing Y N 146 
G   C5    C6     sing N N 147 
G   C5    C4     doub Y N 148 
G   C6    O6     doub N N 149 
G   C6    N1     sing N N 150 
G   N1    C2     sing N N 151 
G   N1    H1     sing N N 152 
G   C2    N2     sing N N 153 
G   C2    N3     doub N N 154 
G   N2    H21    sing N N 155 
G   N2    H22    sing N N 156 
G   N3    C4     sing N N 157 
HOH O     H1     sing N N 158 
HOH O     H2     sing N N 159 
U   OP3   P      sing N N 160 
U   OP3   HOP3   sing N N 161 
U   P     OP1    doub N N 162 
U   P     OP2    sing N N 163 
U   P     "O5'"  sing N N 164 
U   OP2   HOP2   sing N N 165 
U   "O5'" "C5'"  sing N N 166 
U   "C5'" "C4'"  sing N N 167 
U   "C5'" "H5'"  sing N N 168 
U   "C5'" "H5''" sing N N 169 
U   "C4'" "O4'"  sing N N 170 
U   "C4'" "C3'"  sing N N 171 
U   "C4'" "H4'"  sing N N 172 
U   "O4'" "C1'"  sing N N 173 
U   "C3'" "O3'"  sing N N 174 
U   "C3'" "C2'"  sing N N 175 
U   "C3'" "H3'"  sing N N 176 
U   "O3'" "HO3'" sing N N 177 
U   "C2'" "O2'"  sing N N 178 
U   "C2'" "C1'"  sing N N 179 
U   "C2'" "H2'"  sing N N 180 
U   "O2'" "HO2'" sing N N 181 
U   "C1'" N1     sing N N 182 
U   "C1'" "H1'"  sing N N 183 
U   N1    C2     sing N N 184 
U   N1    C6     sing N N 185 
U   C2    O2     doub N N 186 
U   C2    N3     sing N N 187 
U   N3    C4     sing N N 188 
U   N3    H3     sing N N 189 
U   C4    O4     doub N N 190 
U   C4    C5     sing N N 191 
U   C5    C6     doub N N 192 
U   C5    H5     sing N N 193 
U   C6    H6     sing N N 194 
# 
loop_
_ndb_struct_conf_na.entry_id 
_ndb_struct_conf_na.feature 
4RBY 'double helix'         
4RBY 'a-form double helix'  
4RBY 'mismatched base pair' 
# 
loop_
_ndb_struct_na_base_pair.model_number 
_ndb_struct_na_base_pair.i_label_asym_id 
_ndb_struct_na_base_pair.i_label_comp_id 
_ndb_struct_na_base_pair.i_label_seq_id 
_ndb_struct_na_base_pair.i_symmetry 
_ndb_struct_na_base_pair.j_label_asym_id 
_ndb_struct_na_base_pair.j_label_comp_id 
_ndb_struct_na_base_pair.j_label_seq_id 
_ndb_struct_na_base_pair.j_symmetry 
_ndb_struct_na_base_pair.shear 
_ndb_struct_na_base_pair.stretch 
_ndb_struct_na_base_pair.stagger 
_ndb_struct_na_base_pair.buckle 
_ndb_struct_na_base_pair.propeller 
_ndb_struct_na_base_pair.opening 
_ndb_struct_na_base_pair.pair_number 
_ndb_struct_na_base_pair.pair_name 
_ndb_struct_na_base_pair.i_auth_asym_id 
_ndb_struct_na_base_pair.i_auth_seq_id 
_ndb_struct_na_base_pair.i_PDB_ins_code 
_ndb_struct_na_base_pair.j_auth_asym_id 
_ndb_struct_na_base_pair.j_auth_seq_id 
_ndb_struct_na_base_pair.j_PDB_ins_code 
_ndb_struct_na_base_pair.hbond_type_28 
_ndb_struct_na_base_pair.hbond_type_12 
1 A C 1  1_555 A G 12 2_556 0.157  -0.109 -0.087 7.821  -15.683 0.527  1  A_C101:G112_A A 101 ? A 112 ? 19 1 
1 A G 2  1_555 A C 11 2_556 -0.267 -0.172 0.077  -5.126 -17.336 1.039  2  A_G102:C111_A A 102 ? A 111 ? 19 1 
1 A C 3  1_555 A G 10 2_556 0.069  -0.168 0.275  -4.117 -14.495 -2.513 3  A_C103:G110_A A 103 ? A 110 ? 19 1 
1 A A 5  1_555 A U 8  2_556 0.083  -0.045 0.329  7.713  -15.496 -3.246 4  A_A105:U108_A A 105 ? A 108 ? 20 1 
1 A A 6  1_555 A U 7  2_556 0.106  -0.116 0.014  4.996  -23.454 -3.415 5  A_A106:U107_A A 106 ? A 107 ? 20 1 
1 A U 7  1_555 A A 6  2_556 -0.106 -0.116 0.014  -4.996 -23.454 -3.415 6  A_U107:A106_A A 107 ? A 106 ? 20 1 
1 A U 8  1_555 A A 5  2_556 -0.083 -0.045 0.329  -7.713 -15.496 -3.246 7  A_U108:A105_A A 108 ? A 105 ? 20 1 
1 A G 10 1_555 A C 3  2_556 -0.069 -0.168 0.275  4.117  -14.495 -2.513 8  A_G110:C103_A A 110 ? A 103 ? 19 1 
1 A C 11 1_555 A G 2  2_556 0.267  -0.172 0.077  5.126  -17.336 1.039  9  A_C111:G102_A A 111 ? A 102 ? 19 1 
1 A G 12 1_555 A C 1  2_556 -0.157 -0.109 -0.087 -7.821 -15.683 0.527  10 A_G112:C101_A A 112 ? A 101 ? 19 1 
# 
loop_
_ndb_struct_na_base_pair_step.model_number 
_ndb_struct_na_base_pair_step.i_label_asym_id_1 
_ndb_struct_na_base_pair_step.i_label_comp_id_1 
_ndb_struct_na_base_pair_step.i_label_seq_id_1 
_ndb_struct_na_base_pair_step.i_symmetry_1 
_ndb_struct_na_base_pair_step.j_label_asym_id_1 
_ndb_struct_na_base_pair_step.j_label_comp_id_1 
_ndb_struct_na_base_pair_step.j_label_seq_id_1 
_ndb_struct_na_base_pair_step.j_symmetry_1 
_ndb_struct_na_base_pair_step.i_label_asym_id_2 
_ndb_struct_na_base_pair_step.i_label_comp_id_2 
_ndb_struct_na_base_pair_step.i_label_seq_id_2 
_ndb_struct_na_base_pair_step.i_symmetry_2 
_ndb_struct_na_base_pair_step.j_label_asym_id_2 
_ndb_struct_na_base_pair_step.j_label_comp_id_2 
_ndb_struct_na_base_pair_step.j_label_seq_id_2 
_ndb_struct_na_base_pair_step.j_symmetry_2 
_ndb_struct_na_base_pair_step.shift 
_ndb_struct_na_base_pair_step.slide 
_ndb_struct_na_base_pair_step.rise 
_ndb_struct_na_base_pair_step.tilt 
_ndb_struct_na_base_pair_step.roll 
_ndb_struct_na_base_pair_step.twist 
_ndb_struct_na_base_pair_step.x_displacement 
_ndb_struct_na_base_pair_step.y_displacement 
_ndb_struct_na_base_pair_step.helical_rise 
_ndb_struct_na_base_pair_step.inclination 
_ndb_struct_na_base_pair_step.tip 
_ndb_struct_na_base_pair_step.helical_twist 
_ndb_struct_na_base_pair_step.step_number 
_ndb_struct_na_base_pair_step.step_name 
_ndb_struct_na_base_pair_step.i_auth_asym_id_1 
_ndb_struct_na_base_pair_step.i_auth_seq_id_1 
_ndb_struct_na_base_pair_step.i_PDB_ins_code_1 
_ndb_struct_na_base_pair_step.j_auth_asym_id_1 
_ndb_struct_na_base_pair_step.j_auth_seq_id_1 
_ndb_struct_na_base_pair_step.j_PDB_ins_code_1 
_ndb_struct_na_base_pair_step.i_auth_asym_id_2 
_ndb_struct_na_base_pair_step.i_auth_seq_id_2 
_ndb_struct_na_base_pair_step.i_PDB_ins_code_2 
_ndb_struct_na_base_pair_step.j_auth_asym_id_2 
_ndb_struct_na_base_pair_step.j_auth_seq_id_2 
_ndb_struct_na_base_pair_step.j_PDB_ins_code_2 
1 A C 1  1_555 A G 12 2_556 A G 2  1_555 A C 11 2_556 -0.456 -1.722 3.351 -3.711 13.887 31.872 -4.830 0.237  2.449 23.832 6.368  
34.887 1 AA_C101G102:C111G112_AA A 101 ? A 112 ? A 102 ? A 111 ? 
1 A G 2  1_555 A C 11 2_556 A C 3  1_555 A G 10 2_556 -0.553 -1.334 3.203 -1.927 4.033  35.154 -2.762 0.637  3.061 6.645  3.175  
35.428 2 AA_G102C103:G110C111_AA A 102 ? A 111 ? A 103 ? A 110 ? 
1 A C 3  1_555 A G 10 2_556 A A 5  1_555 A U 8  2_556 -0.122 -2.224 5.856 -0.552 16.881 58.592 -3.592 0.075  5.104 16.869 0.552  
60.770 3 AA_C103A105:U108G110_AA A 103 ? A 110 ? A 105 ? A 108 ? 
1 A A 5  1_555 A U 8  2_556 A A 6  1_555 A U 7  2_556 -0.395 -1.052 3.289 1.247  9.225  35.109 -2.935 0.803  2.914 14.970 -2.024 
36.285 4 AA_A105A106:U107U108_AA A 105 ? A 108 ? A 106 ? A 107 ? 
1 A A 6  1_555 A U 7  2_556 A U 7  1_555 A A 6  2_556 0.000  -1.283 3.462 0.000  12.357 31.951 -4.114 0.000  2.789 21.471 0.000  
34.199 5 AA_A106U107:A106U107_AA A 106 ? A 107 ? A 107 ? A 106 ? 
1 A U 7  1_555 A A 6  2_556 A U 8  1_555 A A 5  2_556 0.395  -1.052 3.289 -1.247 9.225  35.109 -2.935 -0.803 2.914 14.970 2.024  
36.285 6 AA_U107U108:A105A106_AA A 107 ? A 106 ? A 108 ? A 105 ? 
1 A U 8  1_555 A A 5  2_556 A G 10 1_555 A C 3  2_556 0.122  -2.224 5.856 0.552  16.881 58.592 -3.592 -0.075 5.104 16.870 -0.552 
60.770 7 AA_U108G110:C103A105_AA A 108 ? A 105 ? A 110 ? A 103 ? 
1 A G 10 1_555 A C 3  2_556 A C 11 1_555 A G 2  2_556 0.553  -1.334 3.203 1.927  4.033  35.154 -2.762 -0.637 3.061 6.645  -3.175 
35.428 8 AA_G110C111:G102C103_AA A 110 ? A 103 ? A 111 ? A 102 ? 
1 A C 11 1_555 A G 2  2_556 A G 12 1_555 A C 1  2_556 0.456  -1.722 3.351 3.711  13.887 31.872 -4.830 -0.237 2.449 23.832 -6.368 
34.887 9 AA_C111G112:C101G102_AA A 111 ? A 102 ? A 112 ? A 101 ? 
# 
loop_
_pdbx_entity_nonpoly.entity_id 
_pdbx_entity_nonpoly.name 
_pdbx_entity_nonpoly.comp_id 
2 'STRONTIUM ION' SR  
3 water           HOH 
# 
_pdbx_initial_refinement_model.id               1 
_pdbx_initial_refinement_model.entity_id_list   ? 
_pdbx_initial_refinement_model.type             'experimental model' 
_pdbx_initial_refinement_model.source_name      PDB 
_pdbx_initial_refinement_model.accession_code   2Q1R 
_pdbx_initial_refinement_model.details          'PDB ENTRY 2Q1R' 
# 
